data_3FJY
#
_entry.id   3FJY
#
_cell.length_a   78.673
_cell.length_b   90.034
_cell.length_c   124.195
_cell.angle_alpha   90.00
_cell.angle_beta   90.00
_cell.angle_gamma   90.00
#
_symmetry.space_group_name_H-M   'P 21 21 21'
#
loop_
_entity.id
_entity.type
_entity.pdbx_description
1 polymer 'Probable MutT1 protein'
2 non-polymer GLYCEROL
3 water water
#
_entity_poly.entity_id   1
_entity_poly.type   'polypeptide(L)'
_entity_poly.pdbx_seq_one_letter_code
;(MSE)SLEAAGGIVWRWKAGSDIANDPAIASSKSAQEQLDSIEVCIVHRPKYDDWSWPKGKLEQNETHRHAAVREIGEET
GSPVKLGPYLCEVEYPLSEEGKKTRHSHDCTADTKHTLYW(MSE)AQPISADDAEHLLDAFGPVHRADVGEINDIVWVSV
REARKILSHSTDKDTLAVFVDRVQEGAATAQNLLIVRHAKAESRKSWKGTDANRPITPKGAA(MSE)AFALNRELACFNP
TRLATSPWLRCQETLQVLSWQTERP(MSE)EHINTLTEDAFAEHPAVSWLAFREQITQTLNSRETTAIC(MSE)HRPVIG
G(MSE)YDHLRGLCARKQLAKQLIAKSPY(MSE)PTGTA(MSE)SLFIIDTPQGPSIIDIQKVSPIVYEGHHHHHH
;
_entity_poly.pdbx_strand_id   A,B
#
loop_
_chem_comp.id
_chem_comp.type
_chem_comp.name
_chem_comp.formula
GOL non-polymer GLYCEROL 'C3 H8 O3'
#
# COMPACT_ATOMS: atom_id res chain seq x y z
N LEU A 3 32.14 10.96 8.66
CA LEU A 3 31.73 9.61 9.13
C LEU A 3 30.58 9.72 10.14
N GLU A 4 29.39 9.31 9.73
CA GLU A 4 28.20 9.36 10.56
C GLU A 4 27.93 8.09 11.38
N ALA A 5 27.62 8.28 12.65
CA ALA A 5 27.31 7.18 13.55
C ALA A 5 26.17 7.58 14.47
N ALA A 6 25.59 6.60 15.16
CA ALA A 6 24.50 6.84 16.09
C ALA A 6 24.45 5.73 17.13
N GLY A 7 23.96 6.08 18.32
CA GLY A 7 23.86 5.10 19.39
C GLY A 7 23.11 5.72 20.54
N GLY A 8 23.28 5.18 21.76
CA GLY A 8 22.58 5.78 22.87
C GLY A 8 22.74 5.13 24.23
N ILE A 9 22.01 5.69 25.19
CA ILE A 9 22.04 5.21 26.55
C ILE A 9 20.74 4.45 26.85
N VAL A 10 20.86 3.13 26.88
CA VAL A 10 19.71 2.28 27.16
C VAL A 10 19.61 2.18 28.69
N TRP A 11 18.44 2.52 29.22
CA TRP A 11 18.24 2.48 30.66
C TRP A 11 17.02 1.66 31.05
N ARG A 12 16.97 1.26 32.31
CA ARG A 12 15.85 0.50 32.87
C ARG A 12 15.81 0.72 34.37
N TRP A 13 14.67 0.42 34.98
CA TRP A 13 14.54 0.55 36.42
C TRP A 13 15.19 -0.69 37.02
N LYS A 14 16.06 -0.49 38.01
CA LYS A 14 16.76 -1.60 38.65
C LYS A 14 15.73 -2.58 39.23
N ALA A 15 15.87 -3.85 38.89
CA ALA A 15 14.94 -4.87 39.37
C ALA A 15 14.94 -4.92 40.90
N GLY A 16 13.75 -4.90 41.48
CA GLY A 16 13.65 -4.93 42.92
C GLY A 16 13.35 -3.58 43.54
N SER A 17 13.71 -2.50 42.85
CA SER A 17 13.45 -1.16 43.39
C SER A 17 11.95 -0.91 43.44
N ASP A 18 11.52 0.05 44.24
CA ASP A 18 10.09 0.36 44.35
C ASP A 18 9.48 0.71 42.99
N ILE A 19 10.18 1.55 42.24
CA ILE A 19 9.71 1.97 40.92
C ILE A 19 9.56 0.80 39.95
N ALA A 20 10.50 -0.15 40.02
CA ALA A 20 10.45 -1.31 39.14
C ALA A 20 9.21 -2.15 39.42
N ASN A 21 8.87 -2.29 40.70
CA ASN A 21 7.72 -3.08 41.11
C ASN A 21 6.41 -2.45 40.61
N ASP A 22 6.44 -1.13 40.43
CA ASP A 22 5.27 -0.40 39.95
C ASP A 22 5.69 0.93 39.35
N PRO A 23 6.14 0.92 38.08
CA PRO A 23 6.60 2.11 37.37
C PRO A 23 5.71 3.34 37.47
N ALA A 24 4.41 3.13 37.62
CA ALA A 24 3.46 4.24 37.70
C ALA A 24 3.79 5.24 38.81
N ILE A 25 4.55 4.81 39.81
CA ILE A 25 4.90 5.71 40.92
C ILE A 25 6.14 6.56 40.63
N ALA A 26 6.75 6.34 39.46
CA ALA A 26 7.96 7.07 39.09
C ALA A 26 7.87 8.58 39.24
N SER A 27 6.81 9.18 38.69
CA SER A 27 6.66 10.62 38.77
C SER A 27 6.44 11.14 40.20
N SER A 28 6.04 10.26 41.12
CA SER A 28 5.83 10.70 42.49
C SER A 28 7.16 10.62 43.26
N LYS A 29 8.23 10.34 42.54
CA LYS A 29 9.55 10.26 43.17
C LYS A 29 10.41 11.41 42.70
N SER A 30 11.37 11.84 43.52
CA SER A 30 12.26 12.92 43.15
C SER A 30 13.23 12.43 42.08
N ALA A 31 13.91 13.37 41.44
CA ALA A 31 14.86 13.04 40.39
C ALA A 31 15.93 12.09 40.94
N GLN A 32 16.38 12.35 42.16
CA GLN A 32 17.40 11.54 42.80
C GLN A 32 16.90 10.12 43.05
N GLU A 33 15.68 9.99 43.59
CA GLU A 33 15.12 8.66 43.85
C GLU A 33 15.02 7.89 42.55
N GLN A 34 14.74 8.60 41.46
CA GLN A 34 14.63 7.98 40.14
C GLN A 34 16.00 7.59 39.63
N LEU A 35 16.92 8.55 39.62
CA LEU A 35 18.28 8.31 39.14
C LEU A 35 18.94 7.17 39.91
N ASP A 36 18.65 7.08 41.21
CA ASP A 36 19.23 6.03 42.04
C ASP A 36 18.59 4.67 41.76
N SER A 37 17.52 4.68 40.99
CA SER A 37 16.81 3.44 40.68
C SER A 37 17.05 2.99 39.24
N ILE A 38 17.97 3.67 38.58
CA ILE A 38 18.27 3.37 37.17
C ILE A 38 19.59 2.66 36.89
N GLU A 39 19.57 1.79 35.89
CA GLU A 39 20.77 1.08 35.46
C GLU A 39 20.88 1.42 33.96
N VAL A 40 22.10 1.67 33.50
CA VAL A 40 22.34 1.99 32.10
C VAL A 40 23.24 0.92 31.48
N CYS A 41 23.10 0.72 30.16
CA CYS A 41 23.86 -0.31 29.47
C CYS A 41 25.17 0.13 28.83
N ILE A 42 26.26 -0.53 29.22
CA ILE A 42 27.58 -0.20 28.70
C ILE A 42 28.19 -1.47 28.11
N VAL A 43 28.83 -1.32 26.95
CA VAL A 43 29.43 -2.46 26.26
C VAL A 43 30.95 -2.38 26.17
N HIS A 44 31.59 -3.54 26.09
CA HIS A 44 33.05 -3.61 26.01
C HIS A 44 33.55 -4.06 24.65
N ARG A 45 34.42 -3.25 24.06
CA ARG A 45 35.00 -3.56 22.76
C ARG A 45 36.41 -4.11 22.97
N PRO A 46 36.62 -5.40 22.65
CA PRO A 46 37.95 -6.00 22.83
C PRO A 46 39.05 -5.32 22.02
N LYS A 47 38.65 -4.69 20.91
CA LYS A 47 39.59 -4.01 20.03
C LYS A 47 40.45 -2.98 20.76
N TYR A 48 39.81 -2.11 21.53
CA TYR A 48 40.51 -1.06 22.27
C TYR A 48 40.44 -1.30 23.78
N ASP A 49 39.85 -2.43 24.17
CA ASP A 49 39.70 -2.80 25.58
C ASP A 49 39.10 -1.63 26.35
N ASP A 50 38.02 -1.08 25.82
CA ASP A 50 37.36 0.06 26.44
C ASP A 50 35.86 -0.18 26.68
N TRP A 51 35.28 0.63 27.56
CA TRP A 51 33.86 0.54 27.88
C TRP A 51 33.19 1.83 27.42
N SER A 52 32.12 1.70 26.64
CA SER A 52 31.43 2.86 26.12
C SER A 52 29.95 2.59 25.86
N TRP A 53 29.27 3.58 25.29
CA TRP A 53 27.87 3.46 24.93
C TRP A 53 27.80 2.75 23.59
N PRO A 54 26.80 1.86 23.41
CA PRO A 54 26.71 1.17 22.13
C PRO A 54 26.39 2.20 21.04
N LYS A 55 27.03 2.04 19.90
CA LYS A 55 26.85 2.94 18.77
C LYS A 55 27.56 2.37 17.57
N GLY A 56 27.29 2.93 16.40
CA GLY A 56 27.93 2.44 15.19
C GLY A 56 27.61 3.32 14.01
N LYS A 57 28.33 3.12 12.91
CA LYS A 57 28.14 3.92 11.71
C LYS A 57 26.85 3.60 10.97
N LEU A 58 26.26 4.63 10.38
CA LEU A 58 25.02 4.47 9.63
C LEU A 58 25.26 3.65 8.39
N GLU A 59 24.27 2.85 8.00
CA GLU A 59 24.38 2.06 6.78
C GLU A 59 24.02 3.02 5.65
N GLN A 60 24.26 2.60 4.41
CA GLN A 60 23.95 3.43 3.26
C GLN A 60 22.48 3.85 3.29
N ASN A 61 22.24 5.13 3.00
CA ASN A 61 20.91 5.75 3.01
C ASN A 61 20.01 5.37 4.19
N GLU A 62 20.61 5.25 5.37
CA GLU A 62 19.88 4.95 6.60
C GLU A 62 19.94 6.21 7.46
N THR A 63 18.91 6.46 8.26
CA THR A 63 18.89 7.64 9.13
C THR A 63 19.66 7.36 10.42
N HIS A 64 19.98 8.41 11.17
CA HIS A 64 20.69 8.25 12.42
C HIS A 64 19.82 7.55 13.47
N ARG A 65 18.53 7.89 13.49
CA ARG A 65 17.64 7.29 14.48
C ARG A 65 17.52 5.79 14.24
N HIS A 66 17.42 5.39 12.98
CA HIS A 66 17.32 3.98 12.62
C HIS A 66 18.65 3.27 12.92
N ALA A 67 19.75 3.94 12.58
CA ALA A 67 21.08 3.41 12.85
C ALA A 67 21.27 3.20 14.37
N ALA A 68 20.74 4.13 15.16
CA ALA A 68 20.86 4.04 16.60
C ALA A 68 20.15 2.82 17.16
N VAL A 69 18.92 2.58 16.72
CA VAL A 69 18.17 1.43 17.21
C VAL A 69 18.85 0.14 16.79
N ARG A 70 19.31 0.10 15.53
CA ARG A 70 19.97 -1.07 14.98
C ARG A 70 21.29 -1.36 15.70
N GLU A 71 22.11 -0.33 15.88
CA GLU A 71 23.41 -0.50 16.55
C GLU A 71 23.25 -0.96 17.99
N ILE A 72 22.23 -0.46 18.67
CA ILE A 72 21.99 -0.84 20.06
C ILE A 72 21.60 -2.32 20.09
N GLY A 73 20.74 -2.73 19.15
CA GLY A 73 20.33 -4.10 19.08
C GLY A 73 21.50 -5.01 18.74
N GLU A 74 22.31 -4.61 17.78
CA GLU A 74 23.46 -5.40 17.38
C GLU A 74 24.46 -5.58 18.51
N GLU A 75 24.81 -4.48 19.19
CA GLU A 75 25.82 -4.52 20.25
C GLU A 75 25.37 -4.93 21.66
N THR A 76 24.13 -4.65 22.03
CA THR A 76 23.67 -5.03 23.37
C THR A 76 22.77 -6.25 23.32
N GLY A 77 22.27 -6.57 22.13
CA GLY A 77 21.37 -7.71 22.00
C GLY A 77 19.95 -7.36 22.42
N SER A 78 19.76 -6.12 22.85
CA SER A 78 18.44 -5.67 23.29
C SER A 78 17.72 -4.80 22.27
N PRO A 79 16.50 -5.20 21.89
CA PRO A 79 15.75 -4.37 20.94
C PRO A 79 15.25 -3.20 21.79
N VAL A 80 15.28 -1.98 21.26
CA VAL A 80 14.86 -0.82 22.05
C VAL A 80 13.93 0.12 21.29
N LYS A 81 13.39 1.09 22.01
CA LYS A 81 12.55 2.12 21.43
C LYS A 81 13.24 3.41 21.87
N LEU A 82 13.42 4.33 20.94
CA LEU A 82 14.08 5.59 21.27
C LEU A 82 13.25 6.47 22.19
N GLY A 83 13.93 7.16 23.09
CA GLY A 83 13.27 8.08 23.99
C GLY A 83 13.72 9.47 23.56
N PRO A 84 13.76 10.44 24.49
CA PRO A 84 14.19 11.79 24.12
C PRO A 84 15.61 11.80 23.53
N TYR A 85 15.87 12.73 22.62
CA TYR A 85 17.18 12.88 21.99
C TYR A 85 18.12 13.47 23.06
N LEU A 86 19.39 13.06 23.05
CA LEU A 86 20.35 13.56 24.02
C LEU A 86 21.26 14.62 23.41
N CYS A 87 22.14 14.21 22.49
CA CYS A 87 23.07 15.13 21.87
C CYS A 87 23.86 14.50 20.74
N GLU A 88 24.70 15.31 20.10
CA GLU A 88 25.55 14.85 19.01
C GLU A 88 26.99 15.20 19.35
N VAL A 89 27.93 14.38 18.90
CA VAL A 89 29.33 14.65 19.18
C VAL A 89 30.20 14.64 17.92
N GLU A 90 31.06 15.66 17.82
CA GLU A 90 31.96 15.83 16.68
C GLU A 90 33.22 15.00 16.87
N HIS A 112 31.09 12.15 13.78
CA HIS A 112 29.78 12.75 14.07
C HIS A 112 28.81 11.66 14.52
N THR A 113 28.50 11.66 15.81
CA THR A 113 27.60 10.67 16.38
C THR A 113 26.45 11.28 17.17
N LEU A 114 25.23 10.81 16.90
CA LEU A 114 24.05 11.30 17.60
C LEU A 114 23.62 10.25 18.64
N TYR A 115 23.25 10.74 19.82
CA TYR A 115 22.85 9.87 20.91
C TYR A 115 21.43 10.12 21.40
N TRP A 116 20.73 9.03 21.70
CA TRP A 116 19.36 9.05 22.21
C TRP A 116 19.35 8.25 23.51
N MSE A 117 18.42 8.55 24.42
CA MSE A 117 18.30 7.69 25.58
C MSE A 117 17.26 6.70 25.04
O MSE A 117 16.47 7.07 24.16
CB MSE A 117 17.81 8.46 26.80
CG MSE A 117 16.55 9.25 26.61
SE MSE A 117 16.23 10.28 28.28
CE MSE A 117 15.62 8.87 29.52
N ALA A 118 17.26 5.44 25.50
CA ALA A 118 16.32 4.45 24.99
C ALA A 118 15.91 3.40 26.02
N GLN A 119 14.79 2.74 25.77
CA GLN A 119 14.26 1.72 26.66
C GLN A 119 14.11 0.36 25.98
N PRO A 120 14.42 -0.74 26.69
CA PRO A 120 14.29 -2.07 26.08
C PRO A 120 12.82 -2.44 25.89
N ILE A 121 12.51 -3.10 24.78
CA ILE A 121 11.14 -3.53 24.52
C ILE A 121 11.12 -5.06 24.60
N SER A 122 9.94 -5.65 24.76
CA SER A 122 9.84 -7.10 24.86
C SER A 122 10.24 -7.79 23.56
N ALA A 123 10.65 -9.05 23.68
CA ALA A 123 11.03 -9.83 22.51
C ALA A 123 9.82 -9.96 21.61
N ASP A 124 8.64 -10.08 22.21
CA ASP A 124 7.43 -10.20 21.41
C ASP A 124 7.22 -8.94 20.58
N ASP A 125 7.35 -7.77 21.21
CA ASP A 125 7.19 -6.48 20.55
C ASP A 125 8.20 -6.34 19.41
N ALA A 126 9.43 -6.75 19.67
CA ALA A 126 10.49 -6.67 18.67
C ALA A 126 10.13 -7.50 17.43
N GLU A 127 9.51 -8.65 17.67
CA GLU A 127 9.11 -9.54 16.60
C GLU A 127 8.09 -8.86 15.69
N HIS A 128 7.16 -8.11 16.30
CA HIS A 128 6.13 -7.39 15.57
C HIS A 128 6.70 -6.27 14.68
N LEU A 129 7.97 -5.94 14.90
CA LEU A 129 8.61 -4.87 14.12
C LEU A 129 9.63 -5.38 13.12
N LEU A 130 9.79 -6.71 13.03
CA LEU A 130 10.76 -7.32 12.12
C LEU A 130 10.75 -6.72 10.70
N ASP A 131 9.60 -6.74 10.03
CA ASP A 131 9.50 -6.20 8.68
C ASP A 131 9.45 -4.68 8.64
N ALA A 132 8.80 -4.06 9.63
CA ALA A 132 8.69 -2.61 9.67
C ALA A 132 10.06 -1.96 9.88
N PHE A 133 10.86 -2.50 10.81
CA PHE A 133 12.18 -1.94 11.08
C PHE A 133 13.29 -2.49 10.19
N GLY A 134 13.23 -3.79 9.92
CA GLY A 134 14.23 -4.42 9.10
C GLY A 134 15.09 -5.33 9.96
N PRO A 135 16.06 -6.06 9.37
CA PRO A 135 16.94 -6.96 10.12
C PRO A 135 17.99 -6.29 10.99
N VAL A 136 18.34 -6.96 12.09
CA VAL A 136 19.35 -6.50 13.02
C VAL A 136 20.16 -7.74 13.35
N HIS A 137 21.46 -7.72 13.05
CA HIS A 137 22.32 -8.88 13.32
C HIS A 137 23.15 -8.73 14.59
N ARG A 138 23.21 -9.80 15.39
CA ARG A 138 23.98 -9.75 16.63
C ARG A 138 25.45 -9.55 16.31
N ALA A 139 26.09 -8.63 17.03
CA ALA A 139 27.51 -8.35 16.82
C ALA A 139 28.32 -9.60 17.16
N ASP A 140 29.48 -9.76 16.53
CA ASP A 140 30.34 -10.91 16.81
C ASP A 140 31.26 -10.62 17.99
N VAL A 141 31.75 -11.67 18.62
CA VAL A 141 32.63 -11.54 19.79
C VAL A 141 33.83 -10.63 19.53
N GLY A 142 34.17 -10.42 18.26
CA GLY A 142 35.30 -9.57 17.94
C GLY A 142 34.95 -8.09 17.94
N GLU A 143 33.67 -7.80 18.09
CA GLU A 143 33.18 -6.43 18.09
C GLU A 143 32.82 -6.01 19.52
N ILE A 144 32.11 -6.90 20.21
CA ILE A 144 31.67 -6.69 21.59
C ILE A 144 31.87 -8.01 22.35
N ASN A 145 32.48 -7.96 23.53
CA ASN A 145 32.66 -9.18 24.30
C ASN A 145 32.22 -9.08 25.75
N ASP A 146 31.37 -8.10 26.03
CA ASP A 146 30.82 -7.92 27.37
C ASP A 146 29.76 -6.84 27.34
N ILE A 147 28.71 -7.07 28.11
CA ILE A 147 27.58 -6.15 28.22
C ILE A 147 27.22 -6.02 29.70
N VAL A 148 27.20 -4.79 30.21
CA VAL A 148 26.89 -4.59 31.63
C VAL A 148 25.82 -3.56 31.87
N TRP A 149 25.15 -3.70 33.02
CA TRP A 149 24.12 -2.78 33.44
C TRP A 149 24.55 -2.25 34.80
N VAL A 150 24.88 -0.97 34.85
CA VAL A 150 25.32 -0.34 36.11
C VAL A 150 24.56 0.94 36.43
N SER A 151 24.73 1.40 37.67
CA SER A 151 24.07 2.64 38.11
C SER A 151 24.71 3.82 37.41
N VAL A 152 24.06 4.98 37.49
CA VAL A 152 24.56 6.20 36.86
C VAL A 152 25.92 6.59 37.48
N ARG A 153 26.06 6.42 38.79
CA ARG A 153 27.32 6.75 39.46
C ARG A 153 28.46 5.87 38.96
N GLU A 154 28.23 4.56 38.91
CA GLU A 154 29.25 3.64 38.42
C GLU A 154 29.56 3.89 36.94
N ALA A 155 28.53 4.19 36.15
CA ALA A 155 28.73 4.45 34.73
C ALA A 155 29.75 5.57 34.53
N ARG A 156 29.69 6.58 35.39
CA ARG A 156 30.62 7.70 35.32
C ARG A 156 32.03 7.19 35.59
N LYS A 157 32.14 6.19 36.47
CA LYS A 157 33.43 5.61 36.82
C LYS A 157 34.04 4.73 35.75
N ILE A 158 33.25 3.82 35.18
CA ILE A 158 33.79 2.89 34.19
C ILE A 158 33.89 3.30 32.72
N LEU A 159 33.13 4.32 32.31
CA LEU A 159 33.18 4.76 30.92
C LEU A 159 34.62 5.17 30.56
N SER A 160 35.11 4.66 29.42
CA SER A 160 36.47 4.93 28.97
C SER A 160 36.74 6.33 28.42
N HIS A 161 35.76 6.90 27.71
CA HIS A 161 35.94 8.20 27.10
C HIS A 161 35.12 9.32 27.74
N SER A 162 35.75 10.48 27.89
CA SER A 162 35.11 11.65 28.48
C SER A 162 33.87 12.04 27.69
N THR A 163 33.90 11.80 26.39
CA THR A 163 32.77 12.09 25.51
C THR A 163 31.50 11.39 26.01
N ASP A 164 31.64 10.11 26.36
CA ASP A 164 30.50 9.35 26.84
C ASP A 164 30.02 9.84 28.20
N LYS A 165 30.95 10.32 29.02
CA LYS A 165 30.60 10.82 30.34
C LYS A 165 29.78 12.10 30.19
N ASP A 166 30.12 12.91 29.18
CA ASP A 166 29.38 14.14 28.92
C ASP A 166 27.95 13.78 28.56
N THR A 167 27.81 12.83 27.64
CA THR A 167 26.50 12.40 27.18
C THR A 167 25.68 11.88 28.35
N LEU A 168 26.35 11.19 29.28
CA LEU A 168 25.69 10.67 30.47
C LEU A 168 25.18 11.84 31.32
N ALA A 169 25.95 12.92 31.35
CA ALA A 169 25.56 14.11 32.12
C ALA A 169 24.30 14.72 31.49
N VAL A 170 24.19 14.61 30.17
CA VAL A 170 23.03 15.13 29.48
C VAL A 170 21.85 14.24 29.85
N PHE A 171 22.11 12.94 29.94
CA PHE A 171 21.11 11.95 30.31
C PHE A 171 20.56 12.29 31.70
N VAL A 172 21.45 12.65 32.63
CA VAL A 172 21.02 13.01 33.97
C VAL A 172 20.13 14.26 33.91
N ASP A 173 20.50 15.24 33.08
CA ASP A 173 19.70 16.45 32.91
C ASP A 173 18.28 16.06 32.51
N ARG A 174 18.16 15.22 31.49
CA ARG A 174 16.87 14.77 31.01
C ARG A 174 16.02 14.14 32.12
N VAL A 175 16.64 13.27 32.91
CA VAL A 175 15.92 12.62 34.00
C VAL A 175 15.43 13.67 35.00
N GLN A 176 16.29 14.62 35.34
CA GLN A 176 15.94 15.68 36.28
C GLN A 176 14.76 16.48 35.73
N GLU A 177 14.67 16.53 34.41
CA GLU A 177 13.59 17.25 33.74
C GLU A 177 12.38 16.33 33.51
N GLY A 178 12.39 15.16 34.14
CA GLY A 178 11.29 14.23 34.03
C GLY A 178 11.23 13.25 32.87
N ALA A 179 12.32 13.12 32.11
CA ALA A 179 12.37 12.23 30.95
C ALA A 179 12.12 10.74 31.24
N ALA A 180 12.50 10.27 32.42
CA ALA A 180 12.31 8.86 32.77
C ALA A 180 10.84 8.49 32.91
N THR A 181 9.98 9.49 33.15
CA THR A 181 8.55 9.25 33.32
C THR A 181 7.77 9.60 32.05
N ALA A 182 8.47 10.11 31.03
CA ALA A 182 7.81 10.50 29.80
C ALA A 182 7.32 9.34 28.96
N GLN A 183 6.23 9.57 28.25
CA GLN A 183 5.65 8.57 27.36
C GLN A 183 5.61 9.16 25.95
N ASN A 184 5.54 8.28 24.96
CA ASN A 184 5.64 8.65 23.56
C ASN A 184 4.39 8.67 22.70
N LEU A 185 4.09 9.83 22.09
CA LEU A 185 2.95 9.98 21.18
C LEU A 185 3.52 10.41 19.83
N LEU A 186 3.17 9.67 18.77
CA LEU A 186 3.64 10.00 17.43
C LEU A 186 2.46 10.58 16.65
N ILE A 187 2.62 11.79 16.13
CA ILE A 187 1.56 12.40 15.34
C ILE A 187 2.03 12.29 13.89
N VAL A 188 1.19 11.71 13.05
CA VAL A 188 1.53 11.51 11.65
C VAL A 188 0.59 12.22 10.68
N ARG A 189 1.13 13.12 9.87
CA ARG A 189 0.29 13.79 8.88
C ARG A 189 0.10 12.76 7.77
N HIS A 190 -1.09 12.72 7.18
CA HIS A 190 -1.33 11.75 6.11
C HIS A 190 -0.39 12.04 4.94
N ALA A 191 -0.11 11.01 4.13
CA ALA A 191 0.78 11.16 2.98
C ALA A 191 0.12 11.94 1.85
N LYS A 192 0.94 12.38 0.90
CA LYS A 192 0.43 13.15 -0.23
C LYS A 192 -0.83 12.51 -0.81
N ALA A 193 -1.90 13.29 -0.92
CA ALA A 193 -3.18 12.81 -1.44
C ALA A 193 -3.64 13.52 -2.71
N GLU A 194 -4.63 12.92 -3.37
CA GLU A 194 -5.21 13.48 -4.59
C GLU A 194 -5.73 14.89 -4.30
N SER A 195 -5.62 15.77 -5.27
CA SER A 195 -6.09 17.15 -5.08
C SER A 195 -7.62 17.16 -5.08
N ARG A 196 -8.20 18.10 -4.34
CA ARG A 196 -9.65 18.22 -4.29
C ARG A 196 -10.17 18.57 -5.68
N LYS A 197 -9.33 19.26 -6.44
CA LYS A 197 -9.67 19.70 -7.79
C LYS A 197 -9.98 18.56 -8.75
N SER A 198 -9.13 17.54 -8.77
CA SER A 198 -9.33 16.43 -9.67
C SER A 198 -10.14 15.25 -9.09
N TRP A 199 -10.19 15.14 -7.76
CA TRP A 199 -10.92 14.03 -7.14
C TRP A 199 -12.44 14.14 -7.26
N LYS A 200 -13.03 13.20 -7.97
CA LYS A 200 -14.47 13.20 -8.17
C LYS A 200 -15.24 12.35 -7.16
N GLY A 201 -14.62 12.08 -6.01
CA GLY A 201 -15.29 11.31 -4.99
C GLY A 201 -15.56 12.23 -3.80
N THR A 202 -15.86 11.66 -2.64
CA THR A 202 -16.09 12.48 -1.46
C THR A 202 -14.75 12.77 -0.81
N ASP A 203 -14.70 13.77 0.06
CA ASP A 203 -13.44 14.08 0.73
C ASP A 203 -13.07 12.92 1.64
N ALA A 204 -14.08 12.23 2.17
CA ALA A 204 -13.86 11.10 3.06
C ALA A 204 -13.08 9.97 2.37
N ASN A 205 -13.38 9.71 1.11
CA ASN A 205 -12.67 8.64 0.39
C ASN A 205 -11.55 9.13 -0.52
N ARG A 206 -11.14 10.39 -0.37
CA ARG A 206 -10.05 10.93 -1.18
C ARG A 206 -8.81 10.13 -0.79
N PRO A 207 -8.18 9.43 -1.76
CA PRO A 207 -7.00 8.64 -1.44
C PRO A 207 -5.67 9.33 -1.58
N ILE A 208 -4.61 8.70 -1.05
CA ILE A 208 -3.27 9.24 -1.18
C ILE A 208 -2.84 8.89 -2.61
N THR A 209 -1.81 9.54 -3.10
CA THR A 209 -1.31 9.30 -4.45
C THR A 209 -0.21 8.26 -4.45
N PRO A 210 0.20 7.81 -5.66
CA PRO A 210 1.27 6.80 -5.68
C PRO A 210 2.51 7.28 -4.93
N LYS A 211 2.84 8.56 -5.08
CA LYS A 211 4.01 9.10 -4.37
C LYS A 211 3.74 9.11 -2.87
N GLY A 212 2.50 9.39 -2.49
CA GLY A 212 2.15 9.39 -1.09
C GLY A 212 2.35 8.00 -0.48
N ALA A 213 1.99 6.97 -1.24
CA ALA A 213 2.16 5.60 -0.77
C ALA A 213 3.65 5.29 -0.53
N ALA A 214 4.50 5.80 -1.41
CA ALA A 214 5.94 5.61 -1.25
C ALA A 214 6.44 6.25 0.04
N MSE A 215 6.04 7.51 0.27
CA MSE A 215 6.45 8.22 1.48
C MSE A 215 5.99 7.45 2.69
O MSE A 215 6.79 7.18 3.59
CB MSE A 215 5.84 9.62 1.50
CG MSE A 215 6.05 10.44 0.23
SE MSE A 215 5.50 12.32 0.50
CE MSE A 215 3.83 12.12 1.45
N ALA A 216 4.71 7.09 2.73
CA ALA A 216 4.16 6.36 3.87
C ALA A 216 4.94 5.06 4.10
N PHE A 217 5.24 4.34 3.02
CA PHE A 217 5.97 3.08 3.12
C PHE A 217 7.33 3.31 3.76
N ALA A 218 8.06 4.29 3.24
CA ALA A 218 9.39 4.62 3.73
C ALA A 218 9.39 5.11 5.17
N LEU A 219 8.31 5.74 5.58
CA LEU A 219 8.22 6.26 6.94
C LEU A 219 8.12 5.16 8.00
N ASN A 220 7.57 4.01 7.63
CA ASN A 220 7.41 2.93 8.59
C ASN A 220 8.68 2.55 9.34
N ARG A 221 9.81 2.45 8.62
CA ARG A 221 11.06 2.06 9.26
C ARG A 221 11.50 3.08 10.30
N GLU A 222 11.06 4.33 10.15
CA GLU A 222 11.43 5.38 11.11
C GLU A 222 10.48 5.32 12.30
N LEU A 223 9.19 5.24 12.03
CA LEU A 223 8.20 5.17 13.10
C LEU A 223 8.50 3.96 13.98
N ALA A 224 9.02 2.90 13.35
CA ALA A 224 9.35 1.65 14.05
C ALA A 224 10.42 1.82 15.13
N CYS A 225 11.17 2.92 15.08
CA CYS A 225 12.20 3.19 16.07
C CYS A 225 11.59 3.56 17.44
N PHE A 226 10.28 3.79 17.47
CA PHE A 226 9.62 4.15 18.71
C PHE A 226 8.63 3.09 19.18
N ASN A 227 8.79 1.88 18.68
CA ASN A 227 7.91 0.77 19.02
C ASN A 227 6.42 1.12 19.14
N PRO A 228 5.82 1.65 18.05
CA PRO A 228 4.39 1.99 18.13
C PRO A 228 3.58 0.69 18.22
N THR A 229 2.83 0.54 19.31
CA THR A 229 2.00 -0.66 19.53
C THR A 229 0.50 -0.34 19.59
N ARG A 230 0.17 0.95 19.55
CA ARG A 230 -1.21 1.39 19.55
C ARG A 230 -1.35 2.31 18.33
N LEU A 231 -2.19 1.92 17.36
CA LEU A 231 -2.38 2.73 16.16
C LEU A 231 -3.78 3.34 16.07
N ALA A 232 -3.84 4.62 15.72
CA ALA A 232 -5.10 5.34 15.61
C ALA A 232 -5.12 6.20 14.35
N THR A 233 -6.30 6.59 13.91
CA THR A 233 -6.42 7.38 12.70
C THR A 233 -7.81 7.94 12.47
N SER A 234 -7.86 9.03 11.73
CA SER A 234 -9.14 9.62 11.34
C SER A 234 -9.64 8.54 10.37
N PRO A 235 -10.96 8.31 10.33
CA PRO A 235 -11.47 7.28 9.42
C PRO A 235 -11.28 7.62 7.94
N TRP A 236 -11.05 8.89 7.64
CA TRP A 236 -10.89 9.29 6.25
C TRP A 236 -9.73 8.50 5.58
N LEU A 237 -10.03 8.00 4.39
CA LEU A 237 -9.10 7.17 3.62
C LEU A 237 -7.65 7.64 3.58
N ARG A 238 -7.42 8.91 3.23
CA ARG A 238 -6.06 9.40 3.15
C ARG A 238 -5.26 9.21 4.45
N CYS A 239 -5.94 9.21 5.59
CA CYS A 239 -5.22 8.98 6.85
C CYS A 239 -5.04 7.49 7.04
N GLN A 240 -6.10 6.73 6.76
CA GLN A 240 -6.03 5.28 6.89
C GLN A 240 -4.89 4.69 6.05
N GLU A 241 -4.83 5.08 4.77
CA GLU A 241 -3.82 4.55 3.87
C GLU A 241 -2.40 4.94 4.24
N THR A 242 -2.27 5.99 5.05
CA THR A 242 -0.95 6.41 5.46
C THR A 242 -0.32 5.43 6.48
N LEU A 243 -1.14 4.84 7.34
CA LEU A 243 -0.61 3.90 8.32
C LEU A 243 -0.97 2.43 8.11
N GLN A 244 -1.77 2.12 7.09
CA GLN A 244 -2.20 0.73 6.91
C GLN A 244 -1.12 -0.32 6.69
N VAL A 245 -0.07 -0.03 5.94
CA VAL A 245 0.96 -1.05 5.78
C VAL A 245 1.64 -1.29 7.14
N LEU A 246 1.87 -0.23 7.90
CA LEU A 246 2.50 -0.38 9.22
C LEU A 246 1.60 -1.28 10.06
N SER A 247 0.30 -1.00 10.01
CA SER A 247 -0.69 -1.77 10.74
C SER A 247 -0.65 -3.24 10.35
N TRP A 248 -0.50 -3.48 9.05
CA TRP A 248 -0.44 -4.82 8.49
C TRP A 248 0.80 -5.59 8.98
N GLN A 249 1.98 -4.98 8.88
CA GLN A 249 3.22 -5.62 9.31
C GLN A 249 3.28 -5.85 10.82
N THR A 250 2.80 -4.89 11.60
CA THR A 250 2.84 -4.98 13.06
C THR A 250 1.64 -5.73 13.63
N GLU A 251 0.66 -6.01 12.77
CA GLU A 251 -0.53 -6.70 13.21
C GLU A 251 -1.27 -5.93 14.31
N ARG A 252 -1.13 -4.61 14.31
CA ARG A 252 -1.79 -3.75 15.29
C ARG A 252 -2.93 -3.03 14.54
N PRO A 253 -4.20 -3.39 14.79
CA PRO A 253 -5.31 -2.73 14.10
C PRO A 253 -5.41 -1.23 14.34
N MSE A 254 -5.81 -0.50 13.31
CA MSE A 254 -5.96 0.94 13.42
C MSE A 254 -7.31 1.28 14.02
O MSE A 254 -8.35 0.89 13.50
CB MSE A 254 -5.86 1.57 12.03
CG MSE A 254 -4.54 1.29 11.37
SE MSE A 254 -4.45 2.32 9.70
CE MSE A 254 -5.73 1.33 8.55
N GLU A 255 -7.28 1.99 15.14
CA GLU A 255 -8.50 2.41 15.81
C GLU A 255 -9.00 3.67 15.10
N HIS A 256 -10.26 3.65 14.67
CA HIS A 256 -10.82 4.81 14.00
C HIS A 256 -11.35 5.81 15.03
N ILE A 257 -11.01 7.08 14.87
CA ILE A 257 -11.50 8.11 15.80
C ILE A 257 -12.30 9.12 14.98
N ASN A 258 -13.60 8.85 14.86
CA ASN A 258 -14.49 9.69 14.05
C ASN A 258 -14.52 11.14 14.45
N THR A 259 -14.31 11.41 15.74
CA THR A 259 -14.35 12.78 16.22
C THR A 259 -13.11 13.60 15.84
N LEU A 260 -12.20 13.01 15.06
CA LEU A 260 -10.98 13.72 14.65
C LEU A 260 -10.93 14.07 13.16
N THR A 261 -12.03 13.84 12.44
CA THR A 261 -12.10 14.17 11.03
C THR A 261 -12.10 15.70 10.99
N GLU A 262 -11.87 16.27 9.80
CA GLU A 262 -11.89 17.72 9.69
C GLU A 262 -13.28 18.25 9.98
N ASP A 263 -14.31 17.54 9.53
CA ASP A 263 -15.68 17.96 9.77
C ASP A 263 -16.00 17.97 11.27
N ALA A 264 -15.61 16.90 11.94
CA ALA A 264 -15.85 16.80 13.38
C ALA A 264 -15.11 17.90 14.14
N PHE A 265 -13.87 18.17 13.71
CA PHE A 265 -13.06 19.20 14.35
C PHE A 265 -13.71 20.58 14.13
N ALA A 266 -14.18 20.81 12.91
CA ALA A 266 -14.81 22.09 12.59
C ALA A 266 -16.05 22.31 13.46
N GLU A 267 -16.85 21.27 13.60
CA GLU A 267 -18.08 21.36 14.37
C GLU A 267 -17.91 21.37 15.89
N HIS A 268 -17.02 20.54 16.41
CA HIS A 268 -16.77 20.47 17.85
C HIS A 268 -15.27 20.32 18.13
N PRO A 269 -14.53 21.43 18.16
CA PRO A 269 -13.09 21.33 18.41
C PRO A 269 -12.75 20.79 19.80
N ALA A 270 -13.54 21.14 20.81
CA ALA A 270 -13.28 20.68 22.18
C ALA A 270 -13.45 19.16 22.28
N VAL A 271 -14.42 18.63 21.55
CA VAL A 271 -14.66 17.20 21.54
C VAL A 271 -13.44 16.54 20.89
N SER A 272 -12.85 17.23 19.91
CA SER A 272 -11.65 16.71 19.24
C SER A 272 -10.51 16.64 20.24
N TRP A 273 -10.38 17.67 21.09
CA TRP A 273 -9.29 17.67 22.09
C TRP A 273 -9.49 16.52 23.06
N LEU A 274 -10.73 16.27 23.47
CA LEU A 274 -11.01 15.16 24.38
C LEU A 274 -10.56 13.84 23.77
N ALA A 275 -10.91 13.63 22.49
CA ALA A 275 -10.55 12.39 21.78
C ALA A 275 -9.04 12.21 21.78
N PHE A 276 -8.35 13.29 21.43
CA PHE A 276 -6.89 13.31 21.36
C PHE A 276 -6.28 13.12 22.76
N ARG A 277 -6.81 13.85 23.74
CA ARG A 277 -6.36 13.79 25.11
C ARG A 277 -6.55 12.39 25.71
N GLU A 278 -7.60 11.70 25.27
CA GLU A 278 -7.84 10.36 25.78
C GLU A 278 -6.71 9.45 25.32
N GLN A 279 -6.26 9.64 24.09
CA GLN A 279 -5.15 8.83 23.58
C GLN A 279 -3.90 9.12 24.40
N ILE A 280 -3.70 10.37 24.79
CA ILE A 280 -2.53 10.70 25.61
C ILE A 280 -2.65 9.99 26.97
N THR A 281 -3.86 9.98 27.52
CA THR A 281 -4.11 9.30 28.79
C THR A 281 -3.77 7.81 28.65
N GLN A 282 -4.22 7.19 27.56
CA GLN A 282 -3.96 5.77 27.30
C GLN A 282 -2.47 5.51 27.16
N THR A 283 -1.78 6.44 26.52
CA THR A 283 -0.35 6.33 26.30
C THR A 283 0.41 6.35 27.63
N LEU A 284 0.05 7.29 28.50
CA LEU A 284 0.70 7.41 29.80
C LEU A 284 0.40 6.20 30.69
N ASN A 285 -0.87 5.78 30.72
CA ASN A 285 -1.26 4.64 31.55
C ASN A 285 -0.61 3.33 31.10
N SER A 286 -0.68 3.03 29.80
CA SER A 286 -0.10 1.80 29.27
C SER A 286 1.42 1.87 29.10
N ARG A 287 1.96 3.09 29.02
CA ARG A 287 3.40 3.28 28.84
C ARG A 287 3.82 2.67 27.50
N GLU A 288 2.91 2.76 26.54
CA GLU A 288 3.15 2.25 25.19
C GLU A 288 3.16 3.44 24.24
N THR A 289 3.83 3.28 23.11
CA THR A 289 3.89 4.35 22.10
C THR A 289 2.65 4.29 21.21
N THR A 290 1.98 5.43 21.11
CA THR A 290 0.78 5.55 20.30
C THR A 290 1.07 6.37 19.06
N ALA A 291 0.65 5.86 17.91
CA ALA A 291 0.85 6.56 16.65
C ALA A 291 -0.54 6.85 16.09
N ILE A 292 -0.78 8.10 15.77
CA ILE A 292 -2.07 8.50 15.24
C ILE A 292 -1.94 9.40 14.03
N CYS A 293 -2.58 9.00 12.94
CA CYS A 293 -2.57 9.79 11.72
C CYS A 293 -3.71 10.79 11.78
N MSE A 294 -3.38 12.07 11.69
CA MSE A 294 -4.36 13.14 11.76
C MSE A 294 -4.33 14.14 10.60
O MSE A 294 -3.40 14.15 9.78
CB MSE A 294 -4.17 13.90 13.07
CG MSE A 294 -3.89 12.98 14.21
SE MSE A 294 -3.80 13.94 15.89
CE MSE A 294 -2.53 15.45 15.61
N HIS A 295 -5.37 14.98 10.53
CA HIS A 295 -5.51 16.01 9.51
C HIS A 295 -4.81 17.26 10.01
N ARG A 296 -4.10 17.95 9.11
CA ARG A 296 -3.34 19.16 9.48
C ARG A 296 -4.06 20.19 10.34
N PRO A 297 -5.24 20.69 9.92
CA PRO A 297 -5.91 21.67 10.77
C PRO A 297 -6.28 21.12 12.14
N VAL A 298 -6.51 19.81 12.23
CA VAL A 298 -6.86 19.21 13.51
C VAL A 298 -5.60 19.19 14.40
N ILE A 299 -4.47 18.83 13.81
CA ILE A 299 -3.21 18.83 14.55
C ILE A 299 -2.97 20.26 15.04
N GLY A 300 -3.27 21.23 14.18
CA GLY A 300 -3.10 22.64 14.57
C GLY A 300 -3.89 22.94 15.83
N GLY A 301 -5.12 22.45 15.89
CA GLY A 301 -5.95 22.69 17.06
C GLY A 301 -5.38 22.03 18.30
N MSE A 302 -4.78 20.85 18.15
CA MSE A 302 -4.20 20.15 19.28
C MSE A 302 -3.02 20.93 19.80
O MSE A 302 -2.85 21.11 21.01
CB MSE A 302 -3.75 18.73 18.88
CG MSE A 302 -4.82 17.87 18.22
SE MSE A 302 -6.50 17.76 19.26
CE MSE A 302 -7.69 18.96 18.24
N TYR A 303 -2.18 21.40 18.87
CA TYR A 303 -0.98 22.16 19.21
C TYR A 303 -1.29 23.49 19.89
N ASP A 304 -2.45 24.08 19.57
CA ASP A 304 -2.82 25.36 20.19
C ASP A 304 -2.86 25.23 21.69
N HIS A 305 -3.15 24.02 22.17
CA HIS A 305 -3.21 23.78 23.60
C HIS A 305 -1.90 23.22 24.16
N LEU A 306 -1.21 22.43 23.35
CA LEU A 306 0.05 21.82 23.79
C LEU A 306 1.22 22.79 23.78
N ARG A 307 1.18 23.75 22.86
CA ARG A 307 2.25 24.74 22.73
C ARG A 307 2.63 25.38 24.07
N GLY A 308 1.64 25.96 24.74
CA GLY A 308 1.90 26.61 26.01
C GLY A 308 2.31 25.69 27.16
N LEU A 309 2.12 24.38 26.97
CA LEU A 309 2.46 23.42 28.01
C LEU A 309 3.84 22.79 27.81
N CYS A 310 4.50 23.15 26.72
CA CYS A 310 5.84 22.63 26.43
C CYS A 310 6.80 23.00 27.54
N ALA A 311 7.80 22.14 27.77
CA ALA A 311 8.76 22.38 28.82
C ALA A 311 9.65 23.59 28.54
N ARG A 312 9.85 23.92 27.25
CA ARG A 312 10.69 25.05 26.88
C ARG A 312 10.18 25.81 25.65
N LYS A 313 10.51 27.10 25.60
CA LYS A 313 10.12 27.97 24.49
C LYS A 313 10.60 27.44 23.16
N GLN A 314 11.79 26.85 23.15
CA GLN A 314 12.37 26.30 21.93
C GLN A 314 11.48 25.20 21.36
N LEU A 315 10.92 24.38 22.25
CA LEU A 315 10.03 23.29 21.83
C LEU A 315 8.74 23.84 21.23
N ALA A 316 8.09 24.78 21.93
CA ALA A 316 6.86 25.38 21.47
C ALA A 316 7.02 26.01 20.08
N LYS A 317 8.15 26.66 19.83
CA LYS A 317 8.37 27.29 18.52
C LYS A 317 8.33 26.27 17.39
N GLN A 318 8.70 25.03 17.68
CA GLN A 318 8.72 23.97 16.68
C GLN A 318 7.35 23.32 16.50
N LEU A 319 6.51 23.44 17.51
CA LEU A 319 5.20 22.84 17.48
C LEU A 319 4.25 23.57 16.54
N ILE A 320 4.50 23.41 15.24
CA ILE A 320 3.71 24.05 14.20
C ILE A 320 3.24 23.01 13.19
N ALA A 321 1.93 22.99 12.95
CA ALA A 321 1.32 22.05 12.02
C ALA A 321 1.35 22.53 10.58
N LYS A 322 2.51 23.02 10.13
CA LYS A 322 2.65 23.50 8.76
C LYS A 322 4.09 23.30 8.30
N SER A 323 4.30 23.34 6.99
CA SER A 323 5.63 23.18 6.42
C SER A 323 6.43 24.47 6.64
N PRO A 324 7.76 24.36 6.79
CA PRO A 324 8.60 23.16 6.74
C PRO A 324 8.75 22.53 8.12
N TYR A 325 7.95 23.01 9.08
CA TYR A 325 8.02 22.47 10.44
C TYR A 325 7.47 21.06 10.44
N MSE A 326 6.43 20.86 9.64
CA MSE A 326 5.78 19.55 9.53
C MSE A 326 5.11 19.37 8.18
O MSE A 326 3.91 19.61 8.02
CB MSE A 326 4.74 19.41 10.64
CG MSE A 326 4.02 18.08 10.67
SE MSE A 326 2.79 17.88 12.18
CE MSE A 326 2.91 15.96 12.47
N PRO A 327 5.88 18.95 7.16
CA PRO A 327 5.32 18.73 5.83
C PRO A 327 4.48 17.46 5.75
N THR A 328 3.73 17.31 4.66
CA THR A 328 2.87 16.14 4.53
C THR A 328 3.71 14.88 4.45
N GLY A 329 3.16 13.77 4.94
CA GLY A 329 3.88 12.51 4.93
C GLY A 329 4.96 12.41 6.00
N THR A 330 5.03 13.40 6.89
CA THR A 330 6.03 13.35 7.95
C THR A 330 5.36 13.33 9.32
N ALA A 331 6.14 13.05 10.35
CA ALA A 331 5.60 12.99 11.70
C ALA A 331 6.45 13.73 12.72
N MSE A 332 5.91 13.81 13.93
CA MSE A 332 6.62 14.39 15.05
C MSE A 332 6.51 13.40 16.19
O MSE A 332 5.42 12.97 16.57
CB MSE A 332 5.99 15.73 15.44
CG MSE A 332 6.56 16.92 14.67
SE MSE A 332 5.92 18.60 15.34
CE MSE A 332 5.04 19.35 13.80
N SER A 333 7.65 12.96 16.73
CA SER A 333 7.64 12.04 17.84
C SER A 333 7.68 12.89 19.10
N LEU A 334 6.59 12.88 19.85
CA LEU A 334 6.48 13.71 21.06
C LEU A 334 6.66 12.92 22.36
N PHE A 335 7.44 13.49 23.28
CA PHE A 335 7.66 12.87 24.56
C PHE A 335 6.98 13.76 25.57
N ILE A 336 6.04 13.16 26.30
CA ILE A 336 5.17 13.87 27.21
C ILE A 336 5.11 13.37 28.66
N ILE A 337 4.91 14.30 29.58
CA ILE A 337 4.76 13.99 30.99
C ILE A 337 3.47 14.74 31.36
N ASP A 338 2.61 14.17 32.19
CA ASP A 338 1.45 14.96 32.49
C ASP A 338 1.69 15.84 33.71
N THR A 339 1.05 17.00 33.69
CA THR A 339 1.21 17.99 34.75
C THR A 339 -0.18 18.47 35.13
N PRO A 340 -0.30 19.20 36.25
CA PRO A 340 -1.61 19.70 36.68
C PRO A 340 -2.23 20.67 35.67
N GLN A 341 -1.42 21.22 34.77
CA GLN A 341 -1.91 22.17 33.76
C GLN A 341 -2.28 21.49 32.43
N GLY A 342 -1.82 20.26 32.23
CA GLY A 342 -2.08 19.55 31.00
C GLY A 342 -0.84 18.83 30.51
N PRO A 343 -0.93 18.04 29.43
CA PRO A 343 0.23 17.31 28.91
C PRO A 343 1.37 18.25 28.52
N SER A 344 2.56 17.98 29.03
CA SER A 344 3.73 18.80 28.73
C SER A 344 4.75 18.08 27.88
N ILE A 345 5.03 18.64 26.70
CA ILE A 345 5.99 18.06 25.78
C ILE A 345 7.41 18.45 26.26
N ILE A 346 8.25 17.44 26.50
CA ILE A 346 9.62 17.68 26.95
C ILE A 346 10.63 17.50 25.83
N ASP A 347 10.20 16.93 24.71
CA ASP A 347 11.07 16.75 23.56
C ASP A 347 10.26 16.53 22.30
N ILE A 348 10.81 17.01 21.18
CA ILE A 348 10.17 16.89 19.87
C ILE A 348 11.18 16.43 18.82
N GLN A 349 10.82 15.41 18.06
CA GLN A 349 11.71 14.91 17.02
C GLN A 349 10.93 14.84 15.71
N LYS A 350 11.35 15.61 14.73
CA LYS A 350 10.69 15.62 13.44
C LYS A 350 11.10 14.33 12.76
N VAL A 351 10.14 13.59 12.23
CA VAL A 351 10.47 12.33 11.58
C VAL A 351 10.08 12.34 10.10
N SER A 352 11.08 12.36 9.22
CA SER A 352 10.86 12.35 7.78
C SER A 352 11.29 11.04 7.16
N PRO A 353 10.58 10.59 6.12
CA PRO A 353 10.90 9.33 5.44
C PRO A 353 12.08 9.35 4.48
N ILE A 354 12.31 8.21 3.83
CA ILE A 354 13.38 8.00 2.86
C ILE A 354 14.77 8.06 3.52
N LEU B 3 -10.49 13.78 -28.24
CA LEU B 3 -9.56 12.87 -28.96
C LEU B 3 -9.59 11.43 -28.43
N GLU B 4 -8.94 11.18 -27.28
CA GLU B 4 -8.88 9.83 -26.71
C GLU B 4 -10.12 9.39 -25.91
N ALA B 5 -10.63 8.21 -26.26
CA ALA B 5 -11.81 7.67 -25.60
C ALA B 5 -11.74 6.14 -25.52
N ALA B 6 -12.66 5.54 -24.78
CA ALA B 6 -12.70 4.09 -24.62
C ALA B 6 -14.09 3.61 -24.19
N GLY B 7 -14.40 2.36 -24.53
CA GLY B 7 -15.70 1.80 -24.18
C GLY B 7 -15.74 0.33 -24.50
N GLY B 8 -16.92 -0.22 -24.76
CA GLY B 8 -16.98 -1.62 -25.09
C GLY B 8 -18.35 -2.24 -25.23
N ILE B 9 -18.34 -3.52 -25.52
CA ILE B 9 -19.55 -4.30 -25.68
C ILE B 9 -19.73 -5.12 -24.42
N VAL B 10 -20.69 -4.71 -23.60
CA VAL B 10 -20.99 -5.43 -22.37
C VAL B 10 -22.02 -6.49 -22.77
N TRP B 11 -21.74 -7.74 -22.42
CA TRP B 11 -22.64 -8.84 -22.77
C TRP B 11 -22.96 -9.77 -21.61
N ARG B 12 -24.04 -10.55 -21.77
CA ARG B 12 -24.48 -11.49 -20.75
C ARG B 12 -25.26 -12.59 -21.47
N TRP B 13 -25.41 -13.73 -20.81
CA TRP B 13 -26.17 -14.82 -21.39
C TRP B 13 -27.64 -14.47 -21.17
N LYS B 14 -28.44 -14.66 -22.20
CA LYS B 14 -29.87 -14.35 -22.13
C LYS B 14 -30.50 -15.13 -20.99
N ALA B 15 -31.35 -14.46 -20.22
CA ALA B 15 -32.02 -15.09 -19.08
C ALA B 15 -32.95 -16.22 -19.54
N GLY B 16 -32.89 -17.35 -18.85
CA GLY B 16 -33.73 -18.47 -19.20
C GLY B 16 -33.11 -19.41 -20.20
N SER B 17 -32.00 -18.99 -20.84
CA SER B 17 -31.34 -19.85 -21.81
C SER B 17 -30.61 -20.97 -21.07
N ASP B 18 -30.25 -22.04 -21.77
CA ASP B 18 -29.56 -23.15 -21.12
C ASP B 18 -28.23 -22.71 -20.53
N ILE B 19 -27.38 -22.10 -21.36
CA ILE B 19 -26.09 -21.62 -20.92
C ILE B 19 -26.22 -20.70 -19.71
N ALA B 20 -27.22 -19.83 -19.75
CA ALA B 20 -27.45 -18.90 -18.65
C ALA B 20 -27.74 -19.66 -17.36
N ASN B 21 -28.58 -20.68 -17.46
CA ASN B 21 -28.93 -21.49 -16.29
C ASN B 21 -27.74 -22.26 -15.73
N ASP B 22 -26.69 -22.39 -16.53
CA ASP B 22 -25.50 -23.12 -16.11
C ASP B 22 -24.37 -22.76 -17.08
N PRO B 23 -23.72 -21.60 -16.87
CA PRO B 23 -22.63 -21.13 -17.71
C PRO B 23 -21.55 -22.16 -17.97
N ALA B 24 -21.38 -23.08 -17.03
CA ALA B 24 -20.36 -24.12 -17.15
C ALA B 24 -20.47 -24.90 -18.47
N ILE B 25 -21.69 -25.05 -18.97
CA ILE B 25 -21.91 -25.79 -20.20
C ILE B 25 -21.63 -24.99 -21.48
N ALA B 26 -21.27 -23.72 -21.33
CA ALA B 26 -21.00 -22.86 -22.47
C ALA B 26 -20.03 -23.45 -23.48
N SER B 27 -18.92 -24.00 -22.99
CA SER B 27 -17.90 -24.57 -23.87
C SER B 27 -18.32 -25.83 -24.62
N SER B 28 -19.40 -26.48 -24.20
CA SER B 28 -19.86 -27.67 -24.89
C SER B 28 -20.88 -27.33 -25.96
N LYS B 29 -21.12 -26.03 -26.14
CA LYS B 29 -22.07 -25.55 -27.14
C LYS B 29 -21.29 -24.98 -28.32
N SER B 30 -21.92 -24.97 -29.50
CA SER B 30 -21.26 -24.43 -30.67
C SER B 30 -21.16 -22.91 -30.56
N ALA B 31 -20.42 -22.31 -31.48
CA ALA B 31 -20.25 -20.86 -31.51
C ALA B 31 -21.61 -20.22 -31.81
N GLN B 32 -22.33 -20.81 -32.75
CA GLN B 32 -23.62 -20.28 -33.13
C GLN B 32 -24.61 -20.38 -31.96
N GLU B 33 -24.50 -21.46 -31.18
CA GLU B 33 -25.39 -21.64 -30.03
C GLU B 33 -25.11 -20.57 -28.97
N GLN B 34 -23.84 -20.25 -28.78
CA GLN B 34 -23.48 -19.23 -27.80
C GLN B 34 -23.97 -17.84 -28.22
N LEU B 35 -23.61 -17.45 -29.44
CA LEU B 35 -24.01 -16.14 -29.98
C LEU B 35 -25.51 -15.91 -29.91
N ASP B 36 -26.29 -16.93 -30.25
CA ASP B 36 -27.74 -16.82 -30.22
C ASP B 36 -28.29 -16.72 -28.80
N SER B 37 -27.49 -17.06 -27.80
CA SER B 37 -27.96 -16.98 -26.44
C SER B 37 -27.35 -15.78 -25.69
N ILE B 38 -26.74 -14.87 -26.44
CA ILE B 38 -26.10 -13.69 -25.87
C ILE B 38 -26.92 -12.40 -26.05
N GLU B 39 -26.78 -11.47 -25.11
CA GLU B 39 -27.42 -10.17 -25.21
C GLU B 39 -26.32 -9.12 -25.00
N VAL B 40 -26.38 -8.04 -25.76
CA VAL B 40 -25.38 -6.99 -25.66
C VAL B 40 -26.04 -5.67 -25.31
N CYS B 41 -25.32 -4.81 -24.59
CA CYS B 41 -25.84 -3.53 -24.16
C CYS B 41 -25.52 -2.35 -25.08
N ILE B 42 -26.60 -1.66 -25.47
CA ILE B 42 -26.54 -0.49 -26.36
C ILE B 42 -27.22 0.70 -25.69
N VAL B 43 -26.62 1.88 -25.80
CA VAL B 43 -27.18 3.08 -25.19
C VAL B 43 -27.69 4.09 -26.20
N HIS B 44 -28.67 4.88 -25.78
CA HIS B 44 -29.25 5.91 -26.64
C HIS B 44 -28.85 7.31 -26.17
N ARG B 45 -28.38 8.14 -27.09
CA ARG B 45 -27.99 9.51 -26.76
C ARG B 45 -29.02 10.45 -27.36
N PRO B 46 -29.70 11.24 -26.51
CA PRO B 46 -30.71 12.15 -27.06
C PRO B 46 -30.19 13.20 -28.03
N LYS B 47 -28.96 13.65 -27.83
CA LYS B 47 -28.38 14.67 -28.69
C LYS B 47 -28.36 14.25 -30.16
N TYR B 48 -27.96 13.01 -30.40
CA TYR B 48 -27.89 12.49 -31.75
C TYR B 48 -29.08 11.57 -32.04
N ASP B 49 -29.86 11.25 -31.01
CA ASP B 49 -31.01 10.35 -31.16
C ASP B 49 -30.49 9.11 -31.88
N ASP B 50 -29.36 8.62 -31.41
CA ASP B 50 -28.71 7.45 -32.00
C ASP B 50 -28.49 6.35 -30.97
N TRP B 51 -28.14 5.17 -31.45
CA TRP B 51 -27.90 4.03 -30.59
C TRP B 51 -26.48 3.55 -30.84
N SER B 52 -25.70 3.43 -29.77
CA SER B 52 -24.32 3.02 -29.93
C SER B 52 -23.76 2.30 -28.71
N TRP B 53 -22.52 1.81 -28.83
CA TRP B 53 -21.85 1.13 -27.72
C TRP B 53 -21.43 2.24 -26.78
N PRO B 54 -21.49 2.00 -25.45
CA PRO B 54 -21.08 3.05 -24.51
C PRO B 54 -19.59 3.35 -24.64
N LYS B 55 -19.21 4.61 -24.46
CA LYS B 55 -17.82 5.02 -24.54
C LYS B 55 -17.73 6.48 -24.11
N GLY B 56 -16.52 6.92 -23.78
CA GLY B 56 -16.34 8.29 -23.35
C GLY B 56 -14.88 8.72 -23.31
N LYS B 57 -14.67 10.02 -23.20
CA LYS B 57 -13.35 10.61 -23.16
C LYS B 57 -12.55 10.24 -21.90
N LEU B 58 -11.28 9.90 -22.08
CA LEU B 58 -10.42 9.57 -20.95
C LEU B 58 -10.23 10.83 -20.14
N GLU B 59 -10.16 10.67 -18.82
CA GLU B 59 -9.92 11.81 -17.93
C GLU B 59 -8.41 12.01 -17.93
N GLN B 60 -7.94 13.10 -17.33
CA GLN B 60 -6.52 13.38 -17.26
C GLN B 60 -5.80 12.24 -16.51
N ASN B 61 -4.68 11.76 -17.05
CA ASN B 61 -3.90 10.69 -16.43
C ASN B 61 -4.65 9.38 -16.17
N GLU B 62 -5.54 9.04 -17.08
CA GLU B 62 -6.31 7.81 -16.96
C GLU B 62 -5.98 6.92 -18.15
N THR B 63 -5.92 5.62 -17.91
CA THR B 63 -5.63 4.66 -18.96
C THR B 63 -6.88 4.46 -19.82
N HIS B 64 -6.72 3.87 -20.99
CA HIS B 64 -7.87 3.62 -21.84
C HIS B 64 -8.73 2.54 -21.18
N ARG B 65 -8.06 1.57 -20.58
CA ARG B 65 -8.77 0.47 -19.96
C ARG B 65 -9.61 0.93 -18.77
N HIS B 66 -9.06 1.85 -17.97
CA HIS B 66 -9.78 2.39 -16.82
C HIS B 66 -10.97 3.24 -17.28
N ALA B 67 -10.75 4.02 -18.34
CA ALA B 67 -11.80 4.86 -18.90
C ALA B 67 -12.92 3.98 -19.45
N ALA B 68 -12.53 2.84 -20.01
CA ALA B 68 -13.53 1.92 -20.60
C ALA B 68 -14.50 1.44 -19.53
N VAL B 69 -13.96 1.01 -18.39
CA VAL B 69 -14.78 0.52 -17.29
C VAL B 69 -15.60 1.65 -16.67
N ARG B 70 -14.99 2.82 -16.49
CA ARG B 70 -15.68 3.96 -15.92
C ARG B 70 -16.80 4.49 -16.82
N GLU B 71 -16.52 4.62 -18.11
CA GLU B 71 -17.51 5.11 -19.06
C GLU B 71 -18.70 4.16 -19.20
N ILE B 72 -18.41 2.85 -19.18
CA ILE B 72 -19.46 1.85 -19.28
C ILE B 72 -20.30 1.99 -18.01
N GLY B 73 -19.64 2.17 -16.88
CA GLY B 73 -20.33 2.32 -15.62
C GLY B 73 -21.21 3.56 -15.62
N GLU B 74 -20.68 4.68 -16.09
CA GLU B 74 -21.42 5.92 -16.12
C GLU B 74 -22.64 5.86 -17.02
N GLU B 75 -22.47 5.29 -18.21
CA GLU B 75 -23.56 5.25 -19.19
C GLU B 75 -24.54 4.09 -19.12
N THR B 76 -24.08 2.90 -18.76
CA THR B 76 -24.99 1.74 -18.69
C THR B 76 -25.48 1.49 -17.28
N GLY B 77 -24.84 2.13 -16.30
CA GLY B 77 -25.23 1.95 -14.91
C GLY B 77 -24.76 0.65 -14.27
N SER B 78 -24.14 -0.24 -15.06
CA SER B 78 -23.68 -1.50 -14.50
C SER B 78 -22.17 -1.55 -14.43
N PRO B 79 -21.63 -2.00 -13.29
CA PRO B 79 -20.18 -2.08 -13.16
C PRO B 79 -19.75 -3.34 -13.91
N VAL B 80 -18.58 -3.30 -14.56
CA VAL B 80 -18.12 -4.45 -15.32
C VAL B 80 -16.65 -4.81 -15.11
N LYS B 81 -16.28 -5.98 -15.65
CA LYS B 81 -14.90 -6.44 -15.61
C LYS B 81 -14.55 -6.61 -17.09
N LEU B 82 -13.43 -6.06 -17.50
CA LEU B 82 -13.02 -6.18 -18.90
C LEU B 82 -12.70 -7.61 -19.31
N GLY B 83 -13.06 -7.94 -20.55
CA GLY B 83 -12.78 -9.25 -21.10
C GLY B 83 -11.77 -9.04 -22.21
N PRO B 84 -11.69 -9.94 -23.19
CA PRO B 84 -10.72 -9.76 -24.27
C PRO B 84 -10.85 -8.39 -24.97
N TYR B 85 -9.74 -7.87 -25.47
CA TYR B 85 -9.69 -6.59 -26.18
C TYR B 85 -10.28 -6.80 -27.57
N LEU B 86 -10.99 -5.79 -28.08
CA LEU B 86 -11.61 -5.89 -29.39
C LEU B 86 -10.87 -5.14 -30.48
N CYS B 87 -10.85 -3.81 -30.41
CA CYS B 87 -10.19 -3.03 -31.44
C CYS B 87 -10.14 -1.54 -31.11
N GLU B 88 -9.52 -0.78 -32.00
CA GLU B 88 -9.40 0.67 -31.85
C GLU B 88 -9.89 1.29 -33.15
N VAL B 89 -10.54 2.44 -33.05
CA VAL B 89 -11.05 3.12 -34.23
C VAL B 89 -10.69 4.58 -34.20
N GLU B 90 -10.73 5.20 -35.37
CA GLU B 90 -10.41 6.61 -35.49
C GLU B 90 -11.21 7.24 -36.61
N TYR B 91 -11.80 8.40 -36.33
CA TYR B 91 -12.59 9.13 -37.31
C TYR B 91 -12.68 10.59 -36.86
N PRO B 92 -12.93 11.52 -37.81
CA PRO B 92 -13.03 12.94 -37.48
C PRO B 92 -14.13 13.23 -36.48
N LEU B 93 -13.92 14.25 -35.65
CA LEU B 93 -14.92 14.63 -34.64
C LEU B 93 -16.23 15.05 -35.28
N SER B 94 -16.15 15.77 -36.40
CA SER B 94 -17.34 16.23 -37.11
C SER B 94 -18.21 15.01 -37.42
N GLU B 95 -17.56 13.86 -37.55
CA GLU B 95 -18.27 12.61 -37.78
C GLU B 95 -18.54 12.13 -36.36
N GLU B 96 -19.77 11.71 -36.08
CA GLU B 96 -20.14 11.20 -34.76
C GLU B 96 -21.63 11.01 -34.83
N GLY B 97 -22.29 11.96 -35.50
CA GLY B 97 -23.73 11.88 -35.66
C GLY B 97 -24.12 11.31 -37.01
N LYS B 98 -23.11 11.04 -37.85
CA LYS B 98 -23.35 10.48 -39.18
C LYS B 98 -23.35 8.97 -39.14
N LYS B 99 -24.30 8.35 -39.85
CA LYS B 99 -24.42 6.90 -39.87
C LYS B 99 -23.10 6.22 -40.26
N THR B 100 -22.50 6.63 -41.37
CA THR B 100 -21.25 6.04 -41.81
C THR B 100 -20.06 6.98 -41.64
N ARG B 101 -19.10 6.56 -40.83
CA ARG B 101 -17.90 7.35 -40.54
C ARG B 101 -16.87 7.33 -41.68
N HIS B 102 -16.52 8.51 -42.18
CA HIS B 102 -15.53 8.64 -43.25
C HIS B 102 -14.27 9.36 -42.80
N SER B 103 -13.12 8.88 -43.25
CA SER B 103 -11.85 9.50 -42.91
C SER B 103 -11.79 10.86 -43.59
N HIS B 104 -10.99 11.77 -43.05
CA HIS B 104 -10.81 13.09 -43.64
C HIS B 104 -9.33 13.31 -43.93
N ASP B 105 -8.89 14.56 -43.88
CA ASP B 105 -7.50 14.91 -44.15
C ASP B 105 -6.67 15.08 -42.88
N CYS B 106 -5.39 15.40 -43.06
CA CYS B 106 -4.45 15.58 -41.96
C CYS B 106 -4.79 16.63 -40.91
N THR B 107 -5.49 17.69 -41.33
CA THR B 107 -5.84 18.78 -40.43
C THR B 107 -7.08 18.57 -39.54
N ALA B 108 -7.95 17.65 -39.94
CA ALA B 108 -9.17 17.40 -39.19
C ALA B 108 -8.96 16.90 -37.75
N ASP B 109 -9.82 17.33 -36.84
CA ASP B 109 -9.75 16.86 -35.46
C ASP B 109 -10.32 15.45 -35.47
N THR B 110 -9.66 14.51 -34.80
CA THR B 110 -10.16 13.14 -34.79
C THR B 110 -10.39 12.59 -33.40
N LYS B 111 -11.14 11.48 -33.35
CA LYS B 111 -11.43 10.79 -32.10
C LYS B 111 -10.83 9.40 -32.22
N HIS B 112 -10.10 8.98 -31.19
CA HIS B 112 -9.48 7.66 -31.16
C HIS B 112 -10.10 6.89 -30.01
N THR B 113 -10.77 5.77 -30.33
CA THR B 113 -11.44 4.97 -29.31
C THR B 113 -11.04 3.49 -29.27
N LEU B 114 -10.81 2.99 -28.06
CA LEU B 114 -10.45 1.60 -27.84
C LEU B 114 -11.66 0.89 -27.24
N TYR B 115 -11.95 -0.32 -27.72
CA TYR B 115 -13.09 -1.09 -27.26
C TYR B 115 -12.71 -2.46 -26.74
N TRP B 116 -13.41 -2.88 -25.69
CA TRP B 116 -13.21 -4.20 -25.07
C TRP B 116 -14.57 -4.89 -25.00
N MSE B 117 -14.58 -6.20 -24.87
CA MSE B 117 -15.85 -6.87 -24.62
C MSE B 117 -15.80 -6.88 -23.08
O MSE B 117 -14.71 -6.87 -22.51
CB MSE B 117 -15.89 -8.29 -25.21
CG MSE B 117 -14.70 -9.18 -24.93
SE MSE B 117 -14.95 -10.72 -26.13
CE MSE B 117 -16.26 -11.80 -25.10
N ALA B 118 -16.95 -6.84 -22.42
CA ALA B 118 -16.97 -6.82 -20.95
C ALA B 118 -18.19 -7.53 -20.37
N GLN B 119 -18.09 -7.94 -19.11
CA GLN B 119 -19.17 -8.65 -18.44
C GLN B 119 -19.59 -7.92 -17.17
N PRO B 120 -20.89 -7.83 -16.91
CA PRO B 120 -21.34 -7.15 -15.69
C PRO B 120 -20.85 -7.91 -14.46
N ILE B 121 -20.62 -7.21 -13.36
CA ILE B 121 -20.19 -7.88 -12.12
C ILE B 121 -21.25 -7.54 -11.09
N SER B 122 -21.34 -8.30 -10.00
CA SER B 122 -22.36 -8.03 -9.00
C SER B 122 -22.10 -6.74 -8.21
N ALA B 123 -23.17 -6.20 -7.64
CA ALA B 123 -23.10 -4.98 -6.86
C ALA B 123 -22.11 -5.15 -5.70
N ASP B 124 -22.13 -6.32 -5.07
CA ASP B 124 -21.23 -6.58 -3.95
C ASP B 124 -19.78 -6.45 -4.38
N ASP B 125 -19.42 -7.14 -5.47
CA ASP B 125 -18.05 -7.09 -6.00
C ASP B 125 -17.65 -5.65 -6.33
N ALA B 126 -18.58 -4.91 -6.91
CA ALA B 126 -18.29 -3.53 -7.28
C ALA B 126 -17.97 -2.71 -6.03
N GLU B 127 -18.71 -2.99 -4.95
CA GLU B 127 -18.52 -2.29 -3.69
C GLU B 127 -17.11 -2.54 -3.14
N HIS B 128 -16.61 -3.76 -3.32
CA HIS B 128 -15.27 -4.15 -2.88
C HIS B 128 -14.18 -3.43 -3.68
N LEU B 129 -14.52 -2.94 -4.86
CA LEU B 129 -13.56 -2.25 -5.73
C LEU B 129 -13.64 -0.73 -5.67
N LEU B 130 -14.56 -0.19 -4.88
CA LEU B 130 -14.73 1.25 -4.79
C LEU B 130 -13.44 2.06 -4.62
N ASP B 131 -12.62 1.71 -3.64
CA ASP B 131 -11.39 2.46 -3.43
C ASP B 131 -10.28 2.04 -4.39
N ALA B 132 -10.28 0.78 -4.80
CA ALA B 132 -9.26 0.31 -5.72
C ALA B 132 -9.47 0.91 -7.12
N PHE B 133 -10.71 0.96 -7.60
CA PHE B 133 -10.99 1.52 -8.92
C PHE B 133 -11.22 3.03 -8.91
N GLY B 134 -11.93 3.50 -7.91
CA GLY B 134 -12.23 4.92 -7.81
C GLY B 134 -13.70 5.15 -8.03
N PRO B 135 -14.18 6.39 -7.87
CA PRO B 135 -15.60 6.68 -8.05
C PRO B 135 -16.06 6.65 -9.49
N VAL B 136 -17.34 6.33 -9.67
CA VAL B 136 -18.00 6.28 -10.97
C VAL B 136 -19.40 6.84 -10.77
N HIS B 137 -19.70 7.95 -11.42
CA HIS B 137 -21.04 8.57 -11.30
C HIS B 137 -21.89 8.19 -12.49
N ARG B 138 -23.20 8.37 -12.39
CA ARG B 138 -24.06 8.05 -13.51
C ARG B 138 -24.21 9.22 -14.46
N ALA B 139 -24.33 8.93 -15.74
CA ALA B 139 -24.48 9.99 -16.74
C ALA B 139 -25.80 10.69 -16.49
N ASP B 140 -25.94 11.91 -17.00
CA ASP B 140 -27.19 12.62 -16.84
C ASP B 140 -28.07 12.32 -18.05
N VAL B 141 -29.37 12.53 -17.91
CA VAL B 141 -30.32 12.28 -18.98
C VAL B 141 -29.94 13.05 -20.26
N GLY B 142 -29.13 14.09 -20.13
CA GLY B 142 -28.73 14.87 -21.28
C GLY B 142 -27.66 14.17 -22.12
N GLU B 143 -27.06 13.13 -21.56
CA GLU B 143 -26.01 12.37 -22.22
C GLU B 143 -26.53 11.01 -22.71
N ILE B 144 -27.23 10.31 -21.82
CA ILE B 144 -27.81 9.00 -22.14
C ILE B 144 -29.24 9.01 -21.61
N ASN B 145 -30.20 8.50 -22.38
CA ASN B 145 -31.58 8.48 -21.92
C ASN B 145 -32.33 7.19 -22.22
N ASP B 146 -31.56 6.13 -22.43
CA ASP B 146 -32.09 4.80 -22.64
C ASP B 146 -30.93 3.81 -22.72
N ILE B 147 -31.20 2.62 -22.19
CA ILE B 147 -30.22 1.53 -22.16
C ILE B 147 -30.96 0.24 -22.50
N VAL B 148 -30.53 -0.43 -23.56
CA VAL B 148 -31.20 -1.68 -23.94
C VAL B 148 -30.24 -2.86 -24.06
N TRP B 149 -30.82 -4.05 -23.93
CA TRP B 149 -30.07 -5.28 -24.06
C TRP B 149 -30.73 -6.04 -25.20
N VAL B 150 -29.99 -6.28 -26.27
CA VAL B 150 -30.53 -6.98 -27.43
C VAL B 150 -29.63 -8.11 -27.91
N SER B 151 -30.19 -8.96 -28.76
CA SER B 151 -29.47 -10.07 -29.33
C SER B 151 -28.43 -9.50 -30.30
N VAL B 152 -27.44 -10.31 -30.64
CA VAL B 152 -26.39 -9.90 -31.55
C VAL B 152 -26.98 -9.52 -32.92
N ARG B 153 -28.01 -10.24 -33.37
CA ARG B 153 -28.66 -9.97 -34.66
C ARG B 153 -29.33 -8.59 -34.64
N GLU B 154 -30.12 -8.34 -33.60
CA GLU B 154 -30.81 -7.06 -33.47
C GLU B 154 -29.83 -5.91 -33.31
N ALA B 155 -28.71 -6.16 -32.63
CA ALA B 155 -27.70 -5.11 -32.43
C ALA B 155 -27.25 -4.59 -33.79
N ARG B 156 -27.01 -5.50 -34.72
CA ARG B 156 -26.59 -5.16 -36.08
C ARG B 156 -27.65 -4.27 -36.74
N LYS B 157 -28.93 -4.56 -36.45
CA LYS B 157 -30.04 -3.81 -37.01
C LYS B 157 -30.33 -2.44 -36.37
N ILE B 158 -30.03 -2.29 -35.08
CA ILE B 158 -30.31 -1.02 -34.43
C ILE B 158 -29.15 -0.06 -34.19
N LEU B 159 -27.92 -0.54 -34.35
CA LEU B 159 -26.75 0.31 -34.17
C LEU B 159 -26.76 1.40 -35.26
N SER B 160 -26.70 2.65 -34.82
CA SER B 160 -26.74 3.79 -35.73
C SER B 160 -25.50 4.01 -36.60
N HIS B 161 -24.33 3.57 -36.13
CA HIS B 161 -23.11 3.81 -36.88
C HIS B 161 -22.36 2.57 -37.38
N SER B 162 -21.79 2.69 -38.57
CA SER B 162 -21.03 1.60 -39.19
C SER B 162 -19.87 1.19 -38.31
N THR B 163 -19.24 2.18 -37.68
CA THR B 163 -18.11 1.95 -36.79
C THR B 163 -18.43 0.91 -35.72
N ASP B 164 -19.60 1.04 -35.11
CA ASP B 164 -20.01 0.13 -34.06
C ASP B 164 -20.40 -1.23 -34.60
N LYS B 165 -20.81 -1.27 -35.88
CA LYS B 165 -21.17 -2.54 -36.50
C LYS B 165 -19.89 -3.31 -36.79
N ASP B 166 -18.82 -2.58 -37.14
CA ASP B 166 -17.54 -3.22 -37.39
C ASP B 166 -17.03 -3.88 -36.11
N THR B 167 -17.11 -3.14 -35.01
CA THR B 167 -16.66 -3.63 -33.72
C THR B 167 -17.47 -4.86 -33.30
N LEU B 168 -18.77 -4.85 -33.58
CA LEU B 168 -19.64 -5.99 -33.25
C LEU B 168 -19.16 -7.23 -34.00
N ALA B 169 -18.67 -7.02 -35.23
CA ALA B 169 -18.18 -8.12 -36.06
C ALA B 169 -16.95 -8.72 -35.40
N VAL B 170 -16.19 -7.87 -34.71
CA VAL B 170 -15.01 -8.36 -34.02
C VAL B 170 -15.45 -9.16 -32.80
N PHE B 171 -16.51 -8.70 -32.13
CA PHE B 171 -17.06 -9.40 -30.96
C PHE B 171 -17.48 -10.80 -31.40
N VAL B 172 -18.10 -10.88 -32.57
CA VAL B 172 -18.53 -12.15 -33.14
C VAL B 172 -17.31 -13.06 -33.38
N ASP B 173 -16.26 -12.52 -33.98
CA ASP B 173 -15.05 -13.29 -34.26
C ASP B 173 -14.49 -13.83 -32.95
N ARG B 174 -14.43 -12.97 -31.94
CA ARG B 174 -13.92 -13.35 -30.63
C ARG B 174 -14.73 -14.48 -30.01
N VAL B 175 -16.05 -14.36 -30.08
CA VAL B 175 -16.91 -15.40 -29.53
C VAL B 175 -16.67 -16.71 -30.27
N GLN B 176 -16.64 -16.64 -31.60
CA GLN B 176 -16.43 -17.84 -32.42
C GLN B 176 -15.10 -18.52 -32.12
N GLU B 177 -14.25 -17.86 -31.34
CA GLU B 177 -12.96 -18.42 -30.99
C GLU B 177 -12.86 -18.78 -29.51
N GLY B 178 -14.00 -18.81 -28.83
CA GLY B 178 -14.02 -19.18 -27.42
C GLY B 178 -14.03 -18.08 -26.37
N ALA B 179 -13.94 -16.83 -26.80
CA ALA B 179 -13.91 -15.70 -25.86
C ALA B 179 -15.04 -15.67 -24.83
N ALA B 180 -16.23 -16.10 -25.22
CA ALA B 180 -17.37 -16.09 -24.30
C ALA B 180 -17.17 -17.08 -23.15
N THR B 181 -16.34 -18.08 -23.39
CA THR B 181 -16.08 -19.10 -22.37
C THR B 181 -14.75 -18.86 -21.62
N ALA B 182 -13.97 -17.89 -22.07
CA ALA B 182 -12.68 -17.62 -21.44
C ALA B 182 -12.77 -17.07 -20.02
N GLN B 183 -11.74 -17.35 -19.24
CA GLN B 183 -11.66 -16.85 -17.87
C GLN B 183 -10.37 -16.05 -17.74
N ASN B 184 -10.33 -15.18 -16.73
CA ASN B 184 -9.23 -14.25 -16.53
C ASN B 184 -8.23 -14.48 -15.40
N LEU B 185 -6.95 -14.63 -15.78
CA LEU B 185 -5.84 -14.81 -14.83
C LEU B 185 -4.89 -13.63 -15.03
N LEU B 186 -4.63 -12.88 -13.97
CA LEU B 186 -3.71 -11.75 -14.07
C LEU B 186 -2.40 -12.17 -13.41
N ILE B 187 -1.31 -12.11 -14.16
CA ILE B 187 0.00 -12.44 -13.59
C ILE B 187 0.68 -11.11 -13.29
N VAL B 188 1.15 -10.97 -12.05
CA VAL B 188 1.77 -9.74 -11.62
C VAL B 188 3.22 -9.89 -11.18
N ARG B 189 4.13 -9.19 -11.84
CA ARG B 189 5.53 -9.23 -11.41
C ARG B 189 5.61 -8.32 -10.20
N HIS B 190 6.34 -8.74 -9.18
CA HIS B 190 6.48 -7.91 -7.99
C HIS B 190 7.11 -6.56 -8.35
N ALA B 191 6.84 -5.56 -7.52
CA ALA B 191 7.36 -4.21 -7.74
C ALA B 191 8.86 -4.12 -7.47
N LYS B 192 9.46 -2.99 -7.83
CA LYS B 192 10.90 -2.83 -7.61
C LYS B 192 11.24 -3.17 -6.17
N ALA B 193 12.24 -4.03 -5.98
CA ALA B 193 12.65 -4.47 -4.65
C ALA B 193 14.09 -4.10 -4.33
N GLU B 194 14.42 -4.10 -3.03
CA GLU B 194 15.77 -3.80 -2.58
C GLU B 194 16.76 -4.72 -3.30
N SER B 195 17.92 -4.20 -3.64
CA SER B 195 18.92 -5.00 -4.34
C SER B 195 19.40 -6.12 -3.42
N ARG B 196 19.65 -7.30 -4.00
CA ARG B 196 20.12 -8.44 -3.22
C ARG B 196 21.44 -8.14 -2.50
N LYS B 197 22.22 -7.24 -3.09
CA LYS B 197 23.52 -6.87 -2.51
C LYS B 197 23.43 -5.93 -1.31
N SER B 198 22.46 -5.02 -1.29
CA SER B 198 22.33 -4.10 -0.16
C SER B 198 21.46 -4.67 0.96
N TRP B 199 20.50 -5.51 0.62
CA TRP B 199 19.62 -6.10 1.64
C TRP B 199 20.43 -7.01 2.53
N LYS B 200 20.38 -6.76 3.83
CA LYS B 200 21.14 -7.57 4.77
C LYS B 200 20.30 -8.62 5.49
N GLY B 201 19.09 -8.84 4.98
CA GLY B 201 18.22 -9.84 5.57
C GLY B 201 18.21 -11.07 4.67
N THR B 202 17.18 -11.91 4.79
CA THR B 202 17.09 -13.10 3.95
C THR B 202 16.43 -12.72 2.63
N ASP B 203 16.58 -13.58 1.62
CA ASP B 203 15.97 -13.33 0.32
C ASP B 203 14.46 -13.33 0.50
N ALA B 204 13.98 -14.20 1.38
CA ALA B 204 12.55 -14.31 1.65
C ALA B 204 11.95 -12.99 2.14
N ASN B 205 12.68 -12.29 2.99
CA ASN B 205 12.19 -11.05 3.57
C ASN B 205 12.59 -9.75 2.87
N ARG B 206 13.26 -9.86 1.74
CA ARG B 206 13.68 -8.66 1.01
C ARG B 206 12.42 -7.94 0.55
N PRO B 207 12.23 -6.69 1.00
CA PRO B 207 11.04 -5.92 0.65
C PRO B 207 11.16 -5.07 -0.61
N ILE B 208 10.01 -4.59 -1.09
CA ILE B 208 10.02 -3.72 -2.25
C ILE B 208 10.53 -2.37 -1.75
N THR B 209 10.89 -1.49 -2.67
CA THR B 209 11.40 -0.17 -2.29
C THR B 209 10.23 0.81 -2.24
N PRO B 210 10.45 1.99 -1.64
CA PRO B 210 9.34 2.96 -1.57
C PRO B 210 8.79 3.22 -2.96
N LYS B 211 9.68 3.32 -3.95
CA LYS B 211 9.27 3.55 -5.33
C LYS B 211 8.46 2.36 -5.82
N GLY B 212 8.89 1.16 -5.44
CA GLY B 212 8.18 -0.05 -5.83
C GLY B 212 6.76 0.03 -5.29
N ALA B 213 6.65 0.50 -4.05
CA ALA B 213 5.35 0.65 -3.41
C ALA B 213 4.44 1.59 -4.19
N ALA B 214 4.98 2.71 -4.69
CA ALA B 214 4.17 3.65 -5.48
C ALA B 214 3.67 2.95 -6.75
N MSE B 215 4.58 2.18 -7.33
CA MSE B 215 4.34 1.41 -8.56
C MSE B 215 3.15 0.48 -8.32
O MSE B 215 2.17 0.52 -9.05
CB MSE B 215 5.60 0.60 -8.84
CG MSE B 215 5.82 -0.03 -10.21
SE MSE B 215 7.64 -0.88 -10.19
CE MSE B 215 8.73 0.74 -10.00
N ALA B 216 3.25 -0.34 -7.29
CA ALA B 216 2.20 -1.30 -6.94
C ALA B 216 0.87 -0.60 -6.65
N PHE B 217 0.93 0.52 -5.92
CA PHE B 217 -0.28 1.26 -5.59
C PHE B 217 -0.99 1.73 -6.85
N ALA B 218 -0.25 2.36 -7.76
CA ALA B 218 -0.82 2.88 -9.00
C ALA B 218 -1.39 1.76 -9.88
N LEU B 219 -0.78 0.59 -9.81
CA LEU B 219 -1.25 -0.53 -10.60
C LEU B 219 -2.63 -1.02 -10.18
N ASN B 220 -2.99 -0.79 -8.90
CA ASN B 220 -4.29 -1.25 -8.39
C ASN B 220 -5.52 -0.82 -9.19
N ARG B 221 -5.58 0.45 -9.59
CA ARG B 221 -6.72 0.94 -10.35
C ARG B 221 -6.84 0.23 -11.71
N GLU B 222 -5.71 -0.26 -12.22
CA GLU B 222 -5.68 -0.96 -13.50
C GLU B 222 -6.13 -2.41 -13.31
N LEU B 223 -5.58 -3.06 -12.29
CA LEU B 223 -5.94 -4.44 -12.02
C LEU B 223 -7.44 -4.49 -11.69
N ALA B 224 -7.92 -3.43 -11.05
CA ALA B 224 -9.31 -3.31 -10.64
C ALA B 224 -10.28 -3.39 -11.83
N CYS B 225 -9.78 -3.11 -13.02
CA CYS B 225 -10.60 -3.16 -14.23
C CYS B 225 -10.98 -4.59 -14.60
N PHE B 226 -10.31 -5.56 -14.00
CA PHE B 226 -10.59 -6.97 -14.28
C PHE B 226 -11.26 -7.70 -13.11
N ASN B 227 -11.79 -6.92 -12.17
CA ASN B 227 -12.46 -7.43 -10.97
C ASN B 227 -11.79 -8.64 -10.31
N PRO B 228 -10.53 -8.47 -9.82
CA PRO B 228 -9.86 -9.60 -9.18
C PRO B 228 -10.47 -9.92 -7.81
N THR B 229 -11.02 -11.12 -7.67
CA THR B 229 -11.63 -11.50 -6.41
C THR B 229 -10.86 -12.62 -5.70
N ARG B 230 -9.86 -13.17 -6.38
CA ARG B 230 -9.01 -14.22 -5.83
C ARG B 230 -7.59 -13.71 -5.93
N LEU B 231 -6.91 -13.57 -4.79
CA LEU B 231 -5.53 -13.09 -4.80
C LEU B 231 -4.58 -14.17 -4.29
N ALA B 232 -3.45 -14.33 -5.00
CA ALA B 232 -2.43 -15.33 -4.64
C ALA B 232 -1.06 -14.71 -4.79
N THR B 233 -0.07 -15.24 -4.09
CA THR B 233 1.26 -14.67 -4.16
C THR B 233 2.33 -15.61 -3.62
N SER B 234 3.56 -15.39 -4.05
CA SER B 234 4.69 -16.16 -3.57
C SER B 234 4.74 -15.64 -2.14
N PRO B 235 5.08 -16.51 -1.18
CA PRO B 235 5.13 -16.01 0.21
C PRO B 235 6.22 -14.96 0.43
N TRP B 236 7.19 -14.87 -0.47
CA TRP B 236 8.27 -13.89 -0.33
C TRP B 236 7.69 -12.47 -0.21
N LEU B 237 8.26 -11.69 0.71
CA LEU B 237 7.80 -10.34 0.98
C LEU B 237 7.65 -9.40 -0.22
N ARG B 238 8.63 -9.42 -1.12
CA ARG B 238 8.56 -8.55 -2.28
C ARG B 238 7.30 -8.80 -3.12
N CYS B 239 6.81 -10.03 -3.13
CA CYS B 239 5.60 -10.34 -3.87
C CYS B 239 4.35 -10.00 -3.06
N GLN B 240 4.39 -10.28 -1.75
CA GLN B 240 3.25 -9.96 -0.89
C GLN B 240 2.97 -8.46 -0.90
N GLU B 241 4.01 -7.65 -0.74
CA GLU B 241 3.86 -6.21 -0.69
C GLU B 241 3.40 -5.59 -2.00
N THR B 242 3.54 -6.33 -3.09
CA THR B 242 3.13 -5.82 -4.37
C THR B 242 1.59 -5.82 -4.46
N LEU B 243 0.95 -6.78 -3.81
CA LEU B 243 -0.50 -6.87 -3.83
C LEU B 243 -1.22 -6.61 -2.49
N GLN B 244 -0.48 -6.28 -1.42
CA GLN B 244 -1.16 -6.11 -0.14
C GLN B 244 -2.14 -4.95 -0.04
N VAL B 245 -1.86 -3.83 -0.68
CA VAL B 245 -2.80 -2.71 -0.65
C VAL B 245 -4.10 -3.15 -1.33
N LEU B 246 -4.00 -3.84 -2.47
CA LEU B 246 -5.19 -4.31 -3.18
C LEU B 246 -5.98 -5.25 -2.29
N SER B 247 -5.26 -6.14 -1.62
CA SER B 247 -5.84 -7.11 -0.70
C SER B 247 -6.59 -6.36 0.41
N TRP B 248 -5.93 -5.35 0.96
CA TRP B 248 -6.50 -4.56 2.04
C TRP B 248 -7.80 -3.88 1.61
N GLN B 249 -7.75 -3.13 0.51
CA GLN B 249 -8.91 -2.41 -0.02
C GLN B 249 -10.08 -3.31 -0.40
N THR B 250 -9.81 -4.40 -1.10
CA THR B 250 -10.84 -5.33 -1.55
C THR B 250 -11.21 -6.39 -0.52
N GLU B 251 -10.43 -6.43 0.55
CA GLU B 251 -10.64 -7.39 1.63
C GLU B 251 -10.60 -8.83 1.15
N ARG B 252 -9.71 -9.10 0.18
CA ARG B 252 -9.54 -10.45 -0.36
C ARG B 252 -8.18 -10.94 0.17
N PRO B 253 -8.17 -11.94 1.06
CA PRO B 253 -6.89 -12.42 1.61
C PRO B 253 -5.92 -12.84 0.50
N MSE B 254 -4.62 -12.73 0.77
CA MSE B 254 -3.64 -13.14 -0.22
C MSE B 254 -3.24 -14.56 0.11
O MSE B 254 -2.68 -14.82 1.17
CB MSE B 254 -2.41 -12.25 -0.17
CG MSE B 254 -2.71 -10.82 -0.46
SE MSE B 254 -0.98 -9.98 -0.71
CE MSE B 254 -0.21 -10.00 1.12
N GLU B 255 -3.55 -15.49 -0.79
CA GLU B 255 -3.20 -16.88 -0.59
C GLU B 255 -1.73 -17.13 -0.87
N HIS B 256 -0.99 -17.61 0.12
CA HIS B 256 0.43 -17.91 -0.06
C HIS B 256 0.60 -19.23 -0.80
N ILE B 257 1.47 -19.25 -1.79
CA ILE B 257 1.75 -20.48 -2.54
C ILE B 257 3.24 -20.72 -2.46
N ASN B 258 3.66 -21.43 -1.40
CA ASN B 258 5.08 -21.70 -1.17
C ASN B 258 5.85 -22.37 -2.30
N THR B 259 5.16 -23.16 -3.11
CA THR B 259 5.81 -23.87 -4.21
C THR B 259 6.10 -23.00 -5.42
N LEU B 260 5.86 -21.69 -5.30
CA LEU B 260 6.10 -20.78 -6.40
C LEU B 260 7.22 -19.80 -6.10
N THR B 261 7.93 -20.01 -4.99
CA THR B 261 9.03 -19.16 -4.63
C THR B 261 10.15 -19.51 -5.60
N GLU B 262 11.17 -18.67 -5.69
CA GLU B 262 12.28 -18.95 -6.59
C GLU B 262 13.02 -20.24 -6.21
N ASP B 263 13.18 -20.50 -4.91
CA ASP B 263 13.85 -21.72 -4.46
C ASP B 263 13.02 -22.95 -4.86
N ALA B 264 11.73 -22.91 -4.54
CA ALA B 264 10.85 -24.02 -4.86
C ALA B 264 10.88 -24.34 -6.35
N PHE B 265 10.79 -23.30 -7.18
CA PHE B 265 10.79 -23.48 -8.63
C PHE B 265 12.10 -24.12 -9.11
N ALA B 266 13.22 -23.61 -8.61
CA ALA B 266 14.53 -24.13 -8.98
C ALA B 266 14.65 -25.60 -8.61
N GLU B 267 14.07 -25.97 -7.47
CA GLU B 267 14.12 -27.34 -6.98
C GLU B 267 13.13 -28.27 -7.67
N HIS B 268 11.88 -27.84 -7.77
CA HIS B 268 10.83 -28.64 -8.38
C HIS B 268 9.94 -27.83 -9.32
N PRO B 269 10.41 -27.60 -10.56
CA PRO B 269 9.66 -26.84 -11.56
C PRO B 269 8.31 -27.43 -11.97
N ALA B 270 8.19 -28.75 -11.92
CA ALA B 270 6.93 -29.39 -12.29
C ALA B 270 5.93 -29.15 -11.17
N VAL B 271 6.43 -29.10 -9.94
CA VAL B 271 5.56 -28.85 -8.80
C VAL B 271 5.05 -27.41 -8.91
N SER B 272 5.90 -26.51 -9.38
CA SER B 272 5.49 -25.11 -9.55
C SER B 272 4.36 -25.02 -10.56
N TRP B 273 4.45 -25.78 -11.64
CA TRP B 273 3.40 -25.75 -12.65
C TRP B 273 2.08 -26.27 -12.06
N LEU B 274 2.15 -27.34 -11.29
CA LEU B 274 0.93 -27.87 -10.69
C LEU B 274 0.23 -26.84 -9.83
N ALA B 275 1.01 -26.14 -9.00
CA ALA B 275 0.47 -25.13 -8.12
C ALA B 275 -0.17 -24.00 -8.92
N PHE B 276 0.53 -23.58 -9.98
CA PHE B 276 0.07 -22.52 -10.87
C PHE B 276 -1.18 -22.99 -11.61
N ARG B 277 -1.14 -24.23 -12.10
CA ARG B 277 -2.24 -24.84 -12.83
C ARG B 277 -3.49 -25.00 -11.96
N GLU B 278 -3.28 -25.23 -10.66
CA GLU B 278 -4.39 -25.38 -9.74
C GLU B 278 -5.14 -24.04 -9.66
N GLN B 279 -4.38 -22.94 -9.77
CA GLN B 279 -4.97 -21.61 -9.75
C GLN B 279 -5.81 -21.37 -11.00
N ILE B 280 -5.33 -21.88 -12.14
CA ILE B 280 -6.06 -21.75 -13.39
C ILE B 280 -7.34 -22.57 -13.27
N THR B 281 -7.22 -23.75 -12.67
CA THR B 281 -8.37 -24.63 -12.47
C THR B 281 -9.44 -23.90 -11.64
N GLN B 282 -9.00 -23.23 -10.57
CA GLN B 282 -9.89 -22.48 -9.69
C GLN B 282 -10.54 -21.31 -10.43
N THR B 283 -9.73 -20.58 -11.19
CA THR B 283 -10.20 -19.45 -11.97
C THR B 283 -11.30 -19.87 -12.93
N LEU B 284 -11.04 -20.93 -13.72
CA LEU B 284 -12.03 -21.45 -14.68
C LEU B 284 -13.30 -22.00 -14.04
N ASN B 285 -13.17 -22.67 -12.90
CA ASN B 285 -14.34 -23.23 -12.23
C ASN B 285 -15.20 -22.16 -11.58
N SER B 286 -14.57 -21.19 -10.92
CA SER B 286 -15.29 -20.13 -10.24
C SER B 286 -15.72 -19.00 -11.18
N ARG B 287 -15.12 -18.94 -12.36
CA ARG B 287 -15.40 -17.89 -13.32
C ARG B 287 -15.11 -16.53 -12.67
N GLU B 288 -14.12 -16.51 -11.80
CA GLU B 288 -13.67 -15.30 -11.12
C GLU B 288 -12.28 -14.96 -11.62
N THR B 289 -11.90 -13.70 -11.51
CA THR B 289 -10.57 -13.28 -11.92
C THR B 289 -9.60 -13.48 -10.76
N THR B 290 -8.49 -14.13 -11.06
CA THR B 290 -7.44 -14.39 -10.06
C THR B 290 -6.23 -13.52 -10.38
N ALA B 291 -5.68 -12.89 -9.35
CA ALA B 291 -4.48 -12.08 -9.54
C ALA B 291 -3.40 -12.79 -8.74
N ILE B 292 -2.31 -13.15 -9.42
CA ILE B 292 -1.23 -13.88 -8.78
C ILE B 292 0.12 -13.17 -8.99
N CYS B 293 0.77 -12.81 -7.88
CA CYS B 293 2.08 -12.14 -7.96
C CYS B 293 3.17 -13.22 -7.94
N MSE B 294 4.06 -13.18 -8.92
CA MSE B 294 5.12 -14.16 -9.03
C MSE B 294 6.52 -13.60 -9.29
O MSE B 294 6.67 -12.41 -9.60
CB MSE B 294 4.76 -15.16 -10.14
CG MSE B 294 3.26 -15.33 -10.35
SE MSE B 294 2.71 -16.89 -11.38
CE MSE B 294 3.25 -16.45 -13.20
N HIS B 295 7.51 -14.46 -9.17
CA HIS B 295 8.90 -14.09 -9.43
C HIS B 295 9.12 -14.29 -10.94
N ARG B 296 9.88 -13.39 -11.56
CA ARG B 296 10.13 -13.45 -12.99
C ARG B 296 10.54 -14.80 -13.57
N PRO B 297 11.59 -15.45 -13.02
CA PRO B 297 11.98 -16.75 -13.56
C PRO B 297 10.90 -17.82 -13.48
N VAL B 298 10.10 -17.79 -12.42
CA VAL B 298 9.01 -18.75 -12.26
C VAL B 298 7.96 -18.49 -13.36
N ILE B 299 7.73 -17.21 -13.66
CA ILE B 299 6.77 -16.85 -14.70
C ILE B 299 7.28 -17.39 -16.05
N GLY B 300 8.57 -17.21 -16.31
CA GLY B 300 9.16 -17.69 -17.54
C GLY B 300 8.96 -19.18 -17.66
N GLY B 301 8.99 -19.85 -16.51
CA GLY B 301 8.80 -21.30 -16.47
C GLY B 301 7.38 -21.71 -16.77
N MSE B 302 6.43 -20.85 -16.43
CA MSE B 302 5.03 -21.15 -16.69
C MSE B 302 4.77 -20.88 -18.17
O MSE B 302 4.04 -21.62 -18.84
CB MSE B 302 4.12 -20.24 -15.85
CG MSE B 302 4.40 -20.27 -14.34
SE MSE B 302 4.24 -22.04 -13.58
CE MSE B 302 6.10 -22.63 -13.61
N TYR B 303 5.37 -19.80 -18.66
CA TYR B 303 5.22 -19.41 -20.06
C TYR B 303 5.78 -20.44 -21.02
N ASP B 304 6.86 -21.13 -20.63
CA ASP B 304 7.44 -22.14 -21.50
C ASP B 304 6.43 -23.22 -21.82
N HIS B 305 5.46 -23.44 -20.94
CA HIS B 305 4.43 -24.44 -21.20
C HIS B 305 3.22 -23.78 -21.85
N LEU B 306 2.88 -22.57 -21.42
CA LEU B 306 1.72 -21.87 -21.97
C LEU B 306 1.91 -21.41 -23.41
N ARG B 307 3.13 -21.00 -23.73
CA ARG B 307 3.48 -20.50 -25.06
C ARG B 307 2.95 -21.35 -26.22
N GLY B 308 3.23 -22.65 -26.19
CA GLY B 308 2.79 -23.53 -27.25
C GLY B 308 1.30 -23.81 -27.27
N LEU B 309 0.61 -23.42 -26.21
CA LEU B 309 -0.83 -23.65 -26.14
C LEU B 309 -1.64 -22.43 -26.53
N CYS B 310 -0.96 -21.33 -26.87
CA CYS B 310 -1.66 -20.11 -27.28
C CYS B 310 -2.51 -20.37 -28.53
N ALA B 311 -3.64 -19.69 -28.62
CA ALA B 311 -4.53 -19.84 -29.77
C ALA B 311 -3.90 -19.27 -31.05
N ARG B 312 -3.04 -18.27 -30.92
CA ARG B 312 -2.38 -17.65 -32.07
C ARG B 312 -0.88 -17.53 -31.85
N LYS B 313 -0.11 -17.72 -32.92
CA LYS B 313 1.35 -17.60 -32.80
C LYS B 313 1.73 -16.18 -32.44
N GLN B 314 0.88 -15.22 -32.79
CA GLN B 314 1.13 -13.83 -32.49
C GLN B 314 1.09 -13.64 -30.97
N LEU B 315 0.19 -14.36 -30.31
CA LEU B 315 0.07 -14.29 -28.86
C LEU B 315 1.28 -14.93 -28.18
N ALA B 316 1.68 -16.09 -28.67
CA ALA B 316 2.83 -16.80 -28.12
C ALA B 316 4.07 -15.91 -28.12
N LYS B 317 4.28 -15.18 -29.20
CA LYS B 317 5.44 -14.29 -29.30
C LYS B 317 5.47 -13.16 -28.27
N GLN B 318 4.33 -12.84 -27.68
CA GLN B 318 4.27 -11.77 -26.70
C GLN B 318 4.45 -12.29 -25.28
N LEU B 319 4.31 -13.60 -25.12
CA LEU B 319 4.43 -14.25 -23.82
C LEU B 319 5.89 -14.39 -23.37
N ILE B 320 6.51 -13.27 -23.01
CA ILE B 320 7.90 -13.24 -22.57
C ILE B 320 8.02 -12.59 -21.19
N ALA B 321 8.57 -13.33 -20.24
CA ALA B 321 8.71 -12.83 -18.88
C ALA B 321 9.93 -11.96 -18.65
N LYS B 322 9.98 -10.81 -19.33
CA LYS B 322 11.07 -9.87 -19.16
C LYS B 322 10.87 -8.65 -20.03
N SER B 323 11.44 -7.52 -19.63
CA SER B 323 11.32 -6.28 -20.37
C SER B 323 11.86 -6.43 -21.79
N PRO B 324 11.33 -5.64 -22.74
CA PRO B 324 10.28 -4.64 -22.55
C PRO B 324 8.87 -5.24 -22.61
N TYR B 325 8.80 -6.55 -22.78
CA TYR B 325 7.52 -7.24 -22.86
C TYR B 325 6.76 -7.19 -21.54
N MSE B 326 7.45 -7.52 -20.47
CA MSE B 326 6.86 -7.52 -19.13
C MSE B 326 7.81 -6.98 -18.08
O MSE B 326 8.43 -7.75 -17.35
CB MSE B 326 6.43 -8.94 -18.76
CG MSE B 326 5.82 -9.04 -17.38
SE MSE B 326 5.21 -10.83 -17.06
CE MSE B 326 3.72 -10.52 -15.83
N PRO B 327 7.93 -5.65 -18.00
CA PRO B 327 8.81 -4.99 -17.03
C PRO B 327 8.45 -5.29 -15.59
N THR B 328 9.37 -4.98 -14.68
CA THR B 328 9.13 -5.20 -13.25
C THR B 328 7.97 -4.30 -12.81
N GLY B 329 7.13 -4.81 -11.92
CA GLY B 329 6.02 -4.01 -11.44
C GLY B 329 4.84 -3.87 -12.38
N THR B 330 4.83 -4.64 -13.46
CA THR B 330 3.72 -4.60 -14.41
C THR B 330 3.04 -5.97 -14.41
N ALA B 331 1.96 -6.10 -15.16
CA ALA B 331 1.25 -7.36 -15.20
C ALA B 331 0.74 -7.73 -16.58
N MSE B 332 0.30 -8.98 -16.72
CA MSE B 332 -0.28 -9.43 -17.96
C MSE B 332 -1.64 -10.05 -17.65
O MSE B 332 -1.75 -10.96 -16.82
CB MSE B 332 0.62 -10.45 -18.65
CG MSE B 332 1.61 -9.84 -19.64
SE MSE B 332 2.55 -11.21 -20.64
CE MSE B 332 4.39 -10.74 -20.40
N SER B 333 -2.69 -9.53 -18.27
CA SER B 333 -4.01 -10.08 -18.06
C SER B 333 -4.21 -11.14 -19.14
N LEU B 334 -4.40 -12.39 -18.72
CA LEU B 334 -4.56 -13.49 -19.65
C LEU B 334 -5.98 -14.05 -19.67
N PHE B 335 -6.50 -14.28 -20.87
CA PHE B 335 -7.83 -14.84 -21.02
C PHE B 335 -7.60 -16.25 -21.52
N ILE B 336 -8.11 -17.19 -20.75
CA ILE B 336 -7.87 -18.59 -21.01
C ILE B 336 -9.11 -19.47 -21.13
N ILE B 337 -8.99 -20.48 -21.98
CA ILE B 337 -10.03 -21.47 -22.17
C ILE B 337 -9.24 -22.76 -21.99
N ASP B 338 -9.78 -23.76 -21.29
CA ASP B 338 -8.98 -24.96 -21.13
C ASP B 338 -9.30 -25.93 -22.26
N THR B 339 -8.30 -26.70 -22.67
CA THR B 339 -8.44 -27.64 -23.77
C THR B 339 -7.87 -28.99 -23.36
N PRO B 340 -8.06 -30.03 -24.20
CA PRO B 340 -7.55 -31.37 -23.89
C PRO B 340 -6.04 -31.42 -23.72
N GLN B 341 -5.33 -30.45 -24.33
CA GLN B 341 -3.87 -30.40 -24.23
C GLN B 341 -3.36 -29.46 -23.13
N GLY B 342 -4.25 -28.70 -22.51
CA GLY B 342 -3.85 -27.77 -21.47
C GLY B 342 -4.46 -26.40 -21.68
N PRO B 343 -4.29 -25.46 -20.73
CA PRO B 343 -4.85 -24.12 -20.88
C PRO B 343 -4.32 -23.32 -22.07
N SER B 344 -5.25 -22.80 -22.87
CA SER B 344 -4.93 -22.03 -24.06
C SER B 344 -5.30 -20.55 -23.93
N ILE B 345 -4.30 -19.69 -24.09
CA ILE B 345 -4.49 -18.24 -24.00
C ILE B 345 -5.04 -17.69 -25.33
N ILE B 346 -6.21 -17.05 -25.28
CA ILE B 346 -6.83 -16.48 -26.47
C ILE B 346 -6.63 -14.96 -26.55
N ASP B 347 -6.13 -14.36 -25.47
CA ASP B 347 -5.87 -12.93 -25.45
C ASP B 347 -4.91 -12.56 -24.33
N ILE B 348 -4.07 -11.58 -24.62
CA ILE B 348 -3.07 -11.09 -23.67
C ILE B 348 -3.12 -9.56 -23.65
N GLN B 349 -3.15 -8.99 -22.46
CA GLN B 349 -3.16 -7.54 -22.31
C GLN B 349 -2.08 -7.15 -21.31
N LYS B 350 -1.11 -6.35 -21.76
CA LYS B 350 -0.05 -5.90 -20.88
C LYS B 350 -0.68 -4.80 -20.03
N VAL B 351 -0.47 -4.87 -18.72
CA VAL B 351 -1.03 -3.88 -17.82
C VAL B 351 0.01 -3.12 -17.03
N SER B 352 0.11 -1.81 -17.29
CA SER B 352 1.05 -0.93 -16.61
C SER B 352 0.32 0.24 -15.96
N PRO B 353 0.87 0.78 -14.87
CA PRO B 353 0.28 1.91 -14.14
C PRO B 353 0.35 3.28 -14.81
N ILE B 354 0.31 4.30 -13.96
CA ILE B 354 0.36 5.71 -14.36
C ILE B 354 -0.62 6.00 -15.50
C1 GOL C . -5.72 18.39 3.45
O1 GOL C . -7.10 18.48 3.09
C2 GOL C . -5.57 17.93 4.90
O2 GOL C . -6.19 16.64 5.10
C3 GOL C . -4.09 17.85 5.26
O3 GOL C . -3.95 17.40 6.61
C1 GOL D . 14.88 -11.80 -8.47
O1 GOL D . 15.50 -11.23 -7.32
C2 GOL D . 13.46 -11.26 -8.58
O2 GOL D . 13.51 -9.84 -8.70
C3 GOL D . 12.76 -11.86 -9.82
O3 GOL D . 11.41 -11.38 -9.94
#